data_7R6W
#
_entry.id   7R6W
#
_cell.length_a   106.267
_cell.length_b   239.372
_cell.length_c   129.806
_cell.angle_alpha   90.000
_cell.angle_beta   90.000
_cell.angle_gamma   90.000
#
_symmetry.space_group_name_H-M   'C 2 2 2'
#
loop_
_entity.id
_entity.type
_entity.pdbx_description
1 polymer 'Light Chain of Fab domain of monoclonal antibody S309'
2 polymer 'Heavy Chain of Fab domain of monoclonal antibody S309'
3 polymer 'Light Chain of Fab domain of monoclonal antibody S2X35'
4 polymer 'Heavy Chain of Fab domain of monoclonal antibody S2X35'
5 polymer 'Spike protein S1'
6 branched 2-acetamido-2-deoxy-beta-D-glucopyranose-(1-4)-2-acetamido-2-deoxy-beta-D-glucopyranose
7 non-polymer 'SULFATE ION'
8 non-polymer GLYCEROL
9 non-polymer 'CHLORIDE ION'
10 non-polymer N-PROPANOL
11 water water
#
loop_
_entity_poly.entity_id
_entity_poly.type
_entity_poly.pdbx_seq_one_letter_code
_entity_poly.pdbx_strand_id
1 'polypeptide(L)'
;EIVLTQSPGTLSLSPGERATLSCRASQTVSSTSLAWYQQKPGQAPRLLIYGASSRATGIPDRFSGSGSGTDFTLTISRLE
PEDFAVYYCQQHDTSLTFGGGTKVEIKRTVAAPSVFIFPPSDEQLKSGTASVVCLLNNFYPREAKVQWKVDNALQSGNSQ
ESVTEQDSKDSTYSLSSTLTLSKADYEKHKVYACEVTHQGLSSPVTKSFNRGEC
;
B
2 'polypeptide(L)'
;QVQLVQSGAEVKKPGASVKVSCKASGYPFTSYGISWVRQAPGQGLEWMGWISTYNGNTNYAQKFQGRVTMTTDTSTTTGY
MELRRLRSDDTAVYYCARDYTRGAWFGESLIGGFDNWGQGTLVTVSSASTKGPSVFPLAPSSKSTSGGTAALGCLVKDYF
PEPVTVSWNSGALTSGVHTFPAVLQSSGLYSLSSVVTVPSSSLGTQTYICNVNHKPSNTKVDKKVEPKSC
;
A
3 'polypeptide(L)'
;QSVLTQPPSVSGAPGQRVTISCTGSSSNIGAGYDVHWYQQLPGTAPKLLIYGNTNRPSGVPDRFSGSKSGTSASLAITGL
QAEDEADYYCQSYDSSLSGSEVVFGGGTKLTVLGQPKAAPSVTLFPPSSEELQANKATLVCLISDFYPGAVTVAWKADSS
PVKAGVETTTPSKQSNNKYAASSYLSLTPEQWKSHRSYSCQVTHEGSTVEKTVAPTECS
;
L
4 'polypeptide(L)'
;QVQLVQSGAEVKKPGASVKVSCKASGYTFTNYGISWVRQAPGQGLEWMGWISAYKGNTNYAQKLQGRVTMTTDTSTSTAY
MELRSLRSDDTAVYYCARPDYQVLGYDFWIGYYGMDVWGQGTTVIVSSASTKGPSVFPLAPSSKSTSGGTAALGCLVKDY
FPEPVTVSWNSGALTSGVHTFPAVLQSSGLYSLSSVVTVPSSSLGTQTYICNVNHKPSNTKVDKKVEPKSC
;
H
5 'polypeptide(L)'
;ETGTRFPNITNLCPFGEVFNATRFASVYAWNRKRISNCVADYSVLYNSASFSTFKCYGVSPTKLNDLCFTNVYADSFVIR
GDEVRQIAPGQTGKIADYNYKLPDDFTGCVIAWNSNNLDSKVGGNYNYLYRLFRKSNLKPFERDISTEIYQAGSTPCNGV
EGFNCYFPLQSYGFQPTNGVGYQPYRVVVLSFELLHAPATVCGPKKSTHHHHHHHH
;
R
#
# COMPACT_ATOMS: atom_id res chain seq x y z
N GLU A 1 14.26 -28.16 -7.69
CA GLU A 1 13.17 -27.75 -6.75
C GLU A 1 13.59 -26.48 -6.00
N ILE A 2 12.62 -25.73 -5.48
CA ILE A 2 12.87 -24.51 -4.64
C ILE A 2 13.10 -24.97 -3.21
N VAL A 3 14.34 -24.82 -2.72
CA VAL A 3 14.74 -25.18 -1.33
C VAL A 3 14.64 -23.93 -0.46
N LEU A 4 13.90 -24.01 0.65
CA LEU A 4 13.79 -22.95 1.67
C LEU A 4 14.78 -23.26 2.80
N THR A 5 15.72 -22.35 3.07
CA THR A 5 16.72 -22.44 4.16
C THR A 5 16.35 -21.44 5.24
N GLN A 6 16.06 -21.91 6.45
CA GLN A 6 15.72 -21.05 7.60
C GLN A 6 16.96 -20.85 8.48
N SER A 7 17.13 -19.63 9.00
CA SER A 7 18.21 -19.26 9.94
C SER A 7 17.67 -18.29 10.99
N PRO A 8 18.23 -18.31 12.23
CA PRO A 8 19.13 -19.38 12.65
C PRO A 8 18.34 -20.66 12.91
N GLY A 9 19.02 -21.77 13.20
CA GLY A 9 18.37 -23.02 13.63
C GLY A 9 17.62 -22.81 14.93
N THR A 10 18.22 -22.05 15.85
CA THR A 10 17.69 -21.75 17.20
C THR A 10 17.87 -20.24 17.48
N LEU A 11 16.78 -19.59 17.90
CA LEU A 11 16.80 -18.21 18.47
C LEU A 11 16.60 -18.33 19.98
N SER A 12 17.54 -17.77 20.75
CA SER A 12 17.52 -17.75 22.22
C SER A 12 17.22 -16.32 22.68
N LEU A 13 16.00 -16.08 23.17
CA LEU A 13 15.47 -14.73 23.49
C LEU A 13 14.66 -14.78 24.79
N SER A 14 14.30 -13.62 25.32
CA SER A 14 13.50 -13.46 26.56
C SER A 14 12.11 -12.98 26.21
N PRO A 15 11.09 -13.27 27.05
CA PRO A 15 9.77 -12.64 26.91
C PRO A 15 9.90 -11.11 26.84
N GLY A 16 9.19 -10.49 25.90
CA GLY A 16 9.18 -9.03 25.67
C GLY A 16 10.17 -8.60 24.60
N GLU A 17 11.11 -9.46 24.21
CA GLU A 17 12.13 -9.14 23.17
C GLU A 17 11.56 -9.39 21.77
N ARG A 18 12.26 -8.87 20.76
CA ARG A 18 11.89 -8.96 19.32
C ARG A 18 12.62 -10.16 18.69
N ALA A 19 11.88 -11.02 17.98
CA ALA A 19 12.42 -12.21 17.26
C ALA A 19 12.36 -11.95 15.75
N THR A 20 13.52 -11.98 15.08
CA THR A 20 13.65 -11.88 13.61
C THR A 20 14.03 -13.24 13.05
N LEU A 21 13.12 -13.89 12.30
CA LEU A 21 13.30 -15.24 11.69
C LEU A 21 13.48 -15.08 10.18
N SER A 22 14.49 -15.76 9.61
CA SER A 22 14.85 -15.66 8.18
C SER A 22 14.45 -16.93 7.42
N CYS A 23 13.91 -16.76 6.22
CA CYS A 23 13.61 -17.83 5.24
C CYS A 23 14.18 -17.40 3.89
N ARG A 24 15.21 -18.10 3.39
CA ARG A 24 15.87 -17.80 2.09
C ARG A 24 15.56 -18.92 1.08
N ALA A 25 15.10 -18.52 -0.11
CA ALA A 25 14.74 -19.44 -1.23
C ALA A 25 15.93 -19.59 -2.18
N SER A 26 16.12 -20.79 -2.73
CA SER A 26 17.20 -21.12 -3.71
C SER A 26 16.93 -20.43 -5.05
N GLN A 27 15.67 -20.07 -5.33
CA GLN A 27 15.23 -19.29 -6.53
C GLN A 27 14.12 -18.33 -6.12
N THR A 28 13.81 -17.35 -6.97
CA THR A 28 12.72 -16.36 -6.78
C THR A 28 11.43 -17.10 -6.41
N VAL A 29 10.79 -16.67 -5.33
CA VAL A 29 9.44 -17.11 -4.90
C VAL A 29 8.52 -15.89 -4.96
N SER A 30 7.47 -15.95 -5.78
CA SER A 30 6.37 -14.96 -5.79
C SER A 30 5.90 -14.71 -4.35
N SER A 31 5.81 -13.44 -3.93
CA SER A 31 5.46 -13.06 -2.54
C SER A 31 4.04 -13.54 -2.20
N THR A 32 3.19 -13.76 -3.21
CA THR A 32 1.84 -14.36 -3.07
C THR A 32 1.91 -15.76 -2.42
N SER A 33 3.06 -16.44 -2.50
CA SER A 33 3.16 -17.91 -2.33
C SER A 33 4.03 -18.31 -1.14
N LEU A 34 4.42 -17.36 -0.29
CA LEU A 34 5.30 -17.60 0.89
C LEU A 34 4.44 -17.53 2.15
N ALA A 35 4.36 -18.62 2.93
CA ALA A 35 3.58 -18.70 4.18
C ALA A 35 4.48 -19.05 5.36
N TRP A 36 4.04 -18.69 6.58
CA TRP A 36 4.74 -19.01 7.86
C TRP A 36 3.79 -19.79 8.76
N TYR A 37 4.32 -20.79 9.47
CA TYR A 37 3.57 -21.66 10.40
C TYR A 37 4.26 -21.67 11.76
N GLN A 38 3.45 -21.77 12.82
CA GLN A 38 3.89 -21.97 14.21
C GLN A 38 3.53 -23.39 14.62
N GLN A 39 4.43 -24.11 15.28
CA GLN A 39 4.10 -25.41 15.91
C GLN A 39 4.55 -25.39 17.37
N LYS A 40 3.59 -25.26 18.28
CA LYS A 40 3.81 -25.39 19.75
C LYS A 40 4.03 -26.86 20.07
N PRO A 41 4.72 -27.21 21.18
CA PRO A 41 4.98 -28.61 21.51
C PRO A 41 3.69 -29.45 21.64
N GLY A 42 3.69 -30.64 21.03
CA GLY A 42 2.57 -31.60 21.07
C GLY A 42 1.32 -31.13 20.32
N GLN A 43 1.44 -30.13 19.45
CA GLN A 43 0.28 -29.55 18.71
C GLN A 43 0.56 -29.60 17.20
N ALA A 44 -0.51 -29.54 16.40
CA ALA A 44 -0.46 -29.42 14.93
C ALA A 44 0.06 -28.03 14.58
N PRO A 45 0.73 -27.86 13.42
CA PRO A 45 1.06 -26.53 12.92
C PRO A 45 -0.19 -25.64 12.79
N ARG A 46 0.05 -24.33 12.81
CA ARG A 46 -0.96 -23.24 12.78
C ARG A 46 -0.46 -22.24 11.73
N LEU A 47 -1.29 -21.82 10.78
CA LEU A 47 -0.93 -20.76 9.80
C LEU A 47 -0.85 -19.42 10.54
N LEU A 48 0.26 -18.69 10.38
CA LEU A 48 0.45 -17.32 10.93
C LEU A 48 0.25 -16.29 9.82
N ILE A 49 1.02 -16.46 8.73
CA ILE A 49 1.20 -15.48 7.63
C ILE A 49 1.02 -16.22 6.30
N TYR A 50 0.27 -15.63 5.38
CA TYR A 50 0.16 -16.08 3.98
C TYR A 50 0.46 -14.87 3.07
N GLY A 51 0.77 -15.11 1.80
CA GLY A 51 1.12 -14.05 0.84
C GLY A 51 2.23 -13.16 1.35
N ALA A 52 3.20 -13.76 2.07
CA ALA A 52 4.43 -13.13 2.60
C ALA A 52 4.13 -12.20 3.77
N SER A 53 3.03 -11.43 3.75
CA SER A 53 2.81 -10.31 4.70
C SER A 53 1.37 -10.24 5.25
N SER A 54 0.45 -11.12 4.84
CA SER A 54 -0.95 -11.12 5.33
C SER A 54 -1.05 -12.04 6.55
N ARG A 55 -1.59 -11.55 7.67
CA ARG A 55 -1.75 -12.41 8.87
C ARG A 55 -3.11 -13.12 8.75
N ALA A 56 -3.10 -14.43 9.04
CA ALA A 56 -4.27 -15.33 9.01
C ALA A 56 -5.29 -14.87 10.06
N THR A 57 -6.55 -15.30 9.89
CA THR A 57 -7.67 -15.04 10.84
C THR A 57 -7.20 -15.38 12.26
N GLY A 58 -7.40 -14.45 13.20
CA GLY A 58 -7.20 -14.66 14.65
C GLY A 58 -5.74 -14.55 15.09
N ILE A 59 -4.81 -14.23 14.18
CA ILE A 59 -3.35 -14.16 14.50
C ILE A 59 -3.05 -12.78 15.10
N PRO A 60 -2.39 -12.70 16.28
CA PRO A 60 -2.09 -11.41 16.91
C PRO A 60 -1.20 -10.49 16.05
N ASP A 61 -1.27 -9.19 16.31
CA ASP A 61 -0.57 -8.09 15.59
C ASP A 61 0.95 -8.20 15.72
N ARG A 62 1.46 -8.83 16.79
CA ARG A 62 2.92 -8.87 17.08
C ARG A 62 3.63 -9.75 16.03
N PHE A 63 2.88 -10.61 15.33
CA PHE A 63 3.38 -11.41 14.18
C PHE A 63 3.22 -10.61 12.90
N SER A 64 4.34 -10.33 12.21
CA SER A 64 4.33 -9.68 10.86
C SER A 64 5.33 -10.40 9.95
N GLY A 65 4.95 -10.60 8.69
CA GLY A 65 5.81 -11.15 7.64
C GLY A 65 6.20 -10.05 6.67
N SER A 66 7.42 -10.13 6.13
CA SER A 66 7.95 -9.17 5.12
C SER A 66 8.94 -9.87 4.21
N GLY A 67 9.44 -9.15 3.21
CA GLY A 67 10.46 -9.60 2.25
C GLY A 67 9.83 -9.94 0.91
N SER A 68 10.68 -10.22 -0.08
CA SER A 68 10.30 -10.62 -1.46
C SER A 68 11.53 -11.19 -2.15
N GLY A 69 11.36 -11.70 -3.37
CA GLY A 69 12.43 -12.36 -4.15
C GLY A 69 12.80 -13.70 -3.53
N THR A 70 13.91 -13.74 -2.79
CA THR A 70 14.45 -14.96 -2.15
C THR A 70 14.71 -14.73 -0.66
N ASP A 71 14.38 -13.55 -0.11
CA ASP A 71 14.73 -13.16 1.28
C ASP A 71 13.46 -12.76 2.03
N PHE A 72 12.93 -13.66 2.87
CA PHE A 72 11.67 -13.46 3.64
C PHE A 72 11.98 -13.44 5.13
N THR A 73 11.15 -12.72 5.90
CA THR A 73 11.34 -12.48 7.35
C THR A 73 10.00 -12.63 8.06
N LEU A 74 10.01 -13.34 9.20
CA LEU A 74 8.93 -13.30 10.20
C LEU A 74 9.45 -12.54 11.41
N THR A 75 8.74 -11.50 11.83
CA THR A 75 9.05 -10.70 13.04
C THR A 75 7.97 -10.93 14.10
N ILE A 76 8.39 -11.32 15.31
CA ILE A 76 7.55 -11.30 16.54
C ILE A 76 8.04 -10.12 17.39
N SER A 77 7.28 -9.02 17.41
CA SER A 77 7.73 -7.70 17.93
C SER A 77 7.99 -7.75 19.43
N ARG A 78 7.16 -8.48 20.19
CA ARG A 78 7.25 -8.61 21.67
C ARG A 78 6.85 -10.03 22.09
N LEU A 79 7.83 -10.92 22.27
CA LEU A 79 7.60 -12.36 22.54
C LEU A 79 6.76 -12.55 23.81
N GLU A 80 5.63 -13.25 23.70
CA GLU A 80 4.85 -13.80 24.85
C GLU A 80 5.37 -15.20 25.13
N PRO A 81 5.19 -15.74 26.35
CA PRO A 81 5.62 -17.12 26.66
C PRO A 81 5.08 -18.16 25.67
N GLU A 82 3.90 -17.91 25.11
CA GLU A 82 3.18 -18.81 24.16
C GLU A 82 3.90 -18.86 22.80
N ASP A 83 4.77 -17.89 22.51
CA ASP A 83 5.46 -17.73 21.20
C ASP A 83 6.73 -18.57 21.12
N PHE A 84 7.17 -19.17 22.24
CA PHE A 84 8.37 -20.05 22.29
C PHE A 84 7.96 -21.41 21.71
N ALA A 85 8.41 -21.69 20.49
CA ALA A 85 7.87 -22.72 19.59
C ALA A 85 8.78 -22.84 18.38
N VAL A 86 8.42 -23.71 17.43
CA VAL A 86 9.14 -23.89 16.14
C VAL A 86 8.31 -23.20 15.06
N TYR A 87 8.99 -22.51 14.13
CA TYR A 87 8.37 -21.75 13.03
C TYR A 87 8.90 -22.28 11.71
N TYR A 88 7.99 -22.56 10.77
CA TYR A 88 8.28 -23.12 9.44
C TYR A 88 7.80 -22.14 8.37
N CYS A 89 8.64 -21.87 7.37
CA CYS A 89 8.22 -21.19 6.12
C CYS A 89 7.84 -22.24 5.08
N GLN A 90 7.09 -21.83 4.06
CA GLN A 90 6.46 -22.70 3.05
C GLN A 90 6.27 -21.89 1.77
N GLN A 91 6.64 -22.45 0.61
CA GLN A 91 6.43 -21.82 -0.71
C GLN A 91 5.59 -22.78 -1.55
N HIS A 92 4.67 -22.24 -2.35
CA HIS A 92 3.96 -23.00 -3.40
C HIS A 92 4.05 -22.26 -4.74
N ASP A 93 5.11 -21.48 -4.94
CA ASP A 93 5.50 -20.91 -6.26
C ASP A 93 5.71 -22.07 -7.24
N THR A 94 6.57 -23.03 -6.90
CA THR A 94 6.88 -24.21 -7.75
C THR A 94 6.77 -25.46 -6.87
N SER A 95 5.78 -26.32 -7.16
CA SER A 95 5.37 -27.45 -6.29
C SER A 95 5.07 -26.87 -4.90
N LEU A 96 5.42 -27.59 -3.84
CA LEU A 96 5.26 -27.11 -2.44
C LEU A 96 6.38 -27.68 -1.58
N THR A 97 7.14 -26.81 -0.92
CA THR A 97 8.25 -27.20 0.00
C THR A 97 8.15 -26.38 1.28
N PHE A 98 8.69 -26.92 2.37
CA PHE A 98 8.81 -26.28 3.69
C PHE A 98 10.29 -25.99 3.98
N GLY A 99 10.57 -24.95 4.75
CA GLY A 99 11.87 -24.76 5.39
C GLY A 99 12.10 -25.80 6.48
N GLY A 100 13.34 -25.95 6.95
CA GLY A 100 13.74 -26.92 7.99
C GLY A 100 13.30 -26.50 9.39
N GLY A 101 12.86 -25.25 9.56
CA GLY A 101 12.28 -24.74 10.81
C GLY A 101 13.29 -23.99 11.67
N THR A 102 12.80 -23.01 12.43
CA THR A 102 13.59 -22.27 13.46
C THR A 102 12.88 -22.43 14.79
N LYS A 103 13.62 -22.90 15.80
CA LYS A 103 13.15 -23.02 17.21
C LYS A 103 13.43 -21.68 17.92
N VAL A 104 12.40 -21.10 18.53
CA VAL A 104 12.53 -19.93 19.43
C VAL A 104 12.44 -20.45 20.85
N GLU A 105 13.56 -20.44 21.59
CA GLU A 105 13.67 -21.01 22.95
C GLU A 105 13.94 -19.89 23.95
N ILE A 106 13.62 -20.12 25.23
CA ILE A 106 13.81 -19.14 26.34
C ILE A 106 15.31 -19.05 26.63
N LYS A 107 15.86 -17.83 26.60
CA LYS A 107 17.25 -17.52 27.00
C LYS A 107 17.34 -17.55 28.53
N ARG A 108 18.39 -18.15 29.07
CA ARG A 108 18.75 -18.07 30.51
C ARG A 108 20.28 -18.08 30.62
N THR A 109 20.80 -17.97 31.83
CA THR A 109 22.26 -17.98 32.13
C THR A 109 22.83 -19.35 31.78
N VAL A 110 24.08 -19.41 31.35
CA VAL A 110 24.80 -20.69 31.08
C VAL A 110 24.77 -21.51 32.37
N ALA A 111 24.46 -22.79 32.28
CA ALA A 111 24.47 -23.74 33.43
C ALA A 111 25.19 -25.02 32.98
N ALA A 112 26.25 -25.39 33.71
CA ALA A 112 27.01 -26.65 33.50
C ALA A 112 26.09 -27.82 33.80
N PRO A 113 26.21 -28.95 33.08
CA PRO A 113 25.51 -30.17 33.45
C PRO A 113 26.11 -30.75 34.74
N SER A 114 25.25 -31.30 35.60
CA SER A 114 25.62 -32.31 36.63
C SER A 114 25.62 -33.67 35.94
N VAL A 115 26.75 -34.39 36.01
CA VAL A 115 27.00 -35.62 35.21
C VAL A 115 27.02 -36.83 36.14
N PHE A 116 26.31 -37.90 35.76
CA PHE A 116 26.21 -39.17 36.51
C PHE A 116 26.35 -40.33 35.53
N ILE A 117 27.07 -41.38 35.94
CA ILE A 117 27.25 -42.62 35.14
C ILE A 117 26.68 -43.80 35.94
N PHE A 118 25.92 -44.67 35.29
CA PHE A 118 25.26 -45.86 35.87
C PHE A 118 25.78 -47.12 35.19
N PRO A 119 26.37 -48.07 35.96
CA PRO A 119 26.73 -49.37 35.41
C PRO A 119 25.46 -50.15 35.08
N PRO A 120 25.54 -51.19 34.22
CA PRO A 120 24.40 -52.08 34.02
C PRO A 120 24.07 -52.80 35.33
N SER A 121 22.78 -53.08 35.56
CA SER A 121 22.29 -53.87 36.72
C SER A 121 22.71 -55.34 36.54
N ASP A 122 22.94 -56.05 37.64
CA ASP A 122 23.20 -57.52 37.64
C ASP A 122 22.04 -58.21 36.92
N GLU A 123 20.80 -57.78 37.18
CA GLU A 123 19.56 -58.35 36.57
C GLU A 123 19.66 -58.31 35.04
N GLN A 124 20.14 -57.20 34.47
CA GLN A 124 20.25 -57.06 32.98
C GLN A 124 21.37 -57.98 32.48
N LEU A 125 22.51 -58.02 33.18
CA LEU A 125 23.70 -58.81 32.76
C LEU A 125 23.33 -60.29 32.60
N LYS A 126 22.46 -60.82 33.45
CA LYS A 126 21.91 -62.20 33.34
C LYS A 126 21.39 -62.44 31.92
N SER A 127 20.67 -61.47 31.35
CA SER A 127 19.96 -61.58 30.04
C SER A 127 20.94 -61.51 28.86
N GLY A 128 22.20 -61.13 29.09
CA GLY A 128 23.28 -61.20 28.08
C GLY A 128 23.53 -59.89 27.36
N THR A 129 23.00 -58.76 27.89
CA THR A 129 23.25 -57.41 27.34
C THR A 129 23.59 -56.46 28.49
N ALA A 130 24.46 -55.48 28.21
CA ALA A 130 24.93 -54.45 29.16
C ALA A 130 24.56 -53.07 28.61
N SER A 131 23.70 -52.33 29.33
CA SER A 131 23.37 -50.91 29.06
C SER A 131 24.10 -50.06 30.10
N VAL A 132 25.04 -49.22 29.65
CA VAL A 132 25.75 -48.22 30.49
C VAL A 132 25.10 -46.86 30.20
N VAL A 133 24.65 -46.15 31.24
CA VAL A 133 23.85 -44.90 31.06
C VAL A 133 24.63 -43.72 31.63
N CYS A 134 24.62 -42.61 30.91
CA CYS A 134 25.19 -41.31 31.33
C CYS A 134 24.09 -40.24 31.35
N LEU A 135 23.93 -39.57 32.50
CA LEU A 135 22.94 -38.47 32.70
C LEU A 135 23.67 -37.13 32.75
N LEU A 136 23.26 -36.19 31.90
CA LEU A 136 23.64 -34.76 31.95
C LEU A 136 22.42 -34.01 32.46
N ASN A 137 22.46 -33.50 33.68
CA ASN A 137 21.26 -32.97 34.39
C ASN A 137 21.28 -31.44 34.38
N ASN A 138 20.19 -30.83 33.87
CA ASN A 138 19.82 -29.39 34.04
C ASN A 138 20.97 -28.48 33.57
N PHE A 139 21.27 -28.49 32.28
CA PHE A 139 22.30 -27.62 31.65
C PHE A 139 21.63 -26.66 30.66
N TYR A 140 22.35 -25.58 30.34
CA TYR A 140 21.97 -24.60 29.30
C TYR A 140 23.25 -23.95 28.77
N PRO A 141 23.46 -23.78 27.44
CA PRO A 141 22.46 -24.11 26.42
C PRO A 141 22.38 -25.59 26.05
N ARG A 142 21.56 -25.92 25.06
CA ARG A 142 21.22 -27.31 24.66
C ARG A 142 22.45 -28.05 24.12
N GLU A 143 23.34 -27.35 23.40
CA GLU A 143 24.53 -27.94 22.74
C GLU A 143 25.39 -28.64 23.80
N ALA A 144 25.58 -29.95 23.66
CA ALA A 144 26.38 -30.79 24.57
C ALA A 144 26.95 -31.97 23.78
N LYS A 145 28.12 -32.46 24.18
CA LYS A 145 28.85 -33.58 23.53
C LYS A 145 29.13 -34.66 24.58
N VAL A 146 28.57 -35.85 24.40
CA VAL A 146 28.91 -37.07 25.18
C VAL A 146 29.91 -37.90 24.36
N GLN A 147 31.05 -38.24 24.93
CA GLN A 147 32.00 -39.24 24.36
C GLN A 147 32.15 -40.38 25.37
N TRP A 148 31.86 -41.60 24.91
CA TRP A 148 32.05 -42.86 25.69
C TRP A 148 33.49 -43.34 25.50
N LYS A 149 34.15 -43.71 26.60
CA LYS A 149 35.51 -44.30 26.61
C LYS A 149 35.47 -45.60 27.43
N VAL A 150 35.99 -46.69 26.86
CA VAL A 150 36.10 -48.02 27.50
C VAL A 150 37.58 -48.37 27.55
N ASP A 151 38.17 -48.45 28.75
CA ASP A 151 39.64 -48.55 28.97
C ASP A 151 40.34 -47.53 28.08
N ASN A 152 39.78 -46.31 28.03
CA ASN A 152 40.32 -45.12 27.33
C ASN A 152 40.23 -45.28 25.80
N ALA A 153 39.53 -46.30 25.30
CA ALA A 153 39.24 -46.49 23.85
C ALA A 153 37.96 -45.75 23.51
N LEU A 154 38.04 -44.77 22.60
CA LEU A 154 36.90 -43.92 22.18
C LEU A 154 35.89 -44.81 21.44
N GLN A 155 34.62 -44.80 21.87
CA GLN A 155 33.52 -45.59 21.28
C GLN A 155 32.85 -44.79 20.17
N SER A 156 32.32 -45.48 19.15
CA SER A 156 31.43 -44.88 18.11
C SER A 156 30.46 -45.95 17.58
N GLY A 157 29.26 -45.54 17.20
CA GLY A 157 28.24 -46.38 16.55
C GLY A 157 27.49 -47.30 17.50
N ASN A 158 27.79 -47.28 18.80
CA ASN A 158 27.20 -48.22 19.79
C ASN A 158 26.53 -47.45 20.95
N SER A 159 26.23 -46.16 20.74
CA SER A 159 25.49 -45.32 21.72
C SER A 159 24.26 -44.68 21.06
N GLN A 160 23.24 -44.40 21.85
CA GLN A 160 22.07 -43.55 21.46
C GLN A 160 21.79 -42.58 22.61
N GLU A 161 21.32 -41.38 22.29
CA GLU A 161 20.96 -40.36 23.31
C GLU A 161 19.62 -39.71 22.96
N SER A 162 19.00 -39.06 23.95
CA SER A 162 17.83 -38.16 23.78
C SER A 162 17.92 -37.03 24.80
N VAL A 163 17.22 -35.94 24.51
CA VAL A 163 17.23 -34.67 25.28
C VAL A 163 15.78 -34.34 25.63
N THR A 164 15.55 -33.87 26.86
CA THR A 164 14.21 -33.41 27.32
C THR A 164 13.89 -32.08 26.63
N GLU A 165 12.61 -31.71 26.62
CA GLU A 165 12.18 -30.35 26.17
C GLU A 165 12.60 -29.37 27.27
N GLN A 166 12.84 -28.11 26.91
CA GLN A 166 13.24 -27.04 27.86
C GLN A 166 12.31 -27.10 29.08
N ASP A 167 12.89 -27.19 30.27
CA ASP A 167 12.13 -27.31 31.55
C ASP A 167 11.29 -26.04 31.73
N SER A 168 10.00 -26.19 32.06
CA SER A 168 9.05 -25.06 32.19
C SER A 168 9.40 -24.20 33.41
N LYS A 169 10.08 -24.77 34.42
CA LYS A 169 10.46 -24.04 35.67
C LYS A 169 11.81 -23.32 35.50
N ASP A 170 12.88 -24.03 35.11
CA ASP A 170 14.27 -23.48 35.19
C ASP A 170 14.88 -23.27 33.79
N SER A 171 14.15 -23.63 32.72
CA SER A 171 14.53 -23.36 31.31
C SER A 171 15.81 -24.12 30.91
N THR A 172 16.16 -25.21 31.62
CA THR A 172 17.34 -26.06 31.32
C THR A 172 16.91 -27.26 30.47
N TYR A 173 17.92 -27.95 29.91
CA TYR A 173 17.79 -29.23 29.19
C TYR A 173 18.49 -30.31 30.02
N SER A 174 18.08 -31.56 29.82
CA SER A 174 18.74 -32.76 30.35
C SER A 174 18.91 -33.77 29.22
N LEU A 175 19.96 -34.57 29.28
CA LEU A 175 20.36 -35.52 28.22
C LEU A 175 20.69 -36.86 28.89
N SER A 176 20.20 -37.95 28.29
CA SER A 176 20.51 -39.35 28.66
C SER A 176 21.20 -40.00 27.46
N SER A 177 22.31 -40.69 27.69
CA SER A 177 23.05 -41.47 26.67
C SER A 177 23.23 -42.90 27.15
N THR A 178 22.90 -43.89 26.30
CA THR A 178 23.09 -45.34 26.59
C THR A 178 24.17 -45.89 25.65
N LEU A 179 25.24 -46.42 26.24
CA LEU A 179 26.23 -47.32 25.58
C LEU A 179 25.72 -48.76 25.73
N THR A 180 25.51 -49.46 24.61
CA THR A 180 25.03 -50.86 24.61
C THR A 180 26.17 -51.78 24.12
N LEU A 181 26.51 -52.76 24.97
CA LEU A 181 27.47 -53.85 24.67
C LEU A 181 26.78 -55.18 24.98
N SER A 182 27.22 -56.26 24.33
CA SER A 182 26.96 -57.65 24.79
C SER A 182 27.56 -57.81 26.19
N LYS A 183 27.04 -58.76 26.99
CA LYS A 183 27.61 -59.13 28.31
C LYS A 183 29.09 -59.49 28.11
N ALA A 184 29.39 -60.27 27.06
CA ALA A 184 30.75 -60.78 26.73
C ALA A 184 31.72 -59.60 26.58
N ASP A 185 31.36 -58.61 25.75
CA ASP A 185 32.22 -57.42 25.47
C ASP A 185 32.35 -56.56 26.72
N TYR A 186 31.26 -56.39 27.48
CA TYR A 186 31.24 -55.57 28.72
C TYR A 186 32.27 -56.13 29.71
N GLU A 187 32.34 -57.46 29.83
CA GLU A 187 33.16 -58.15 30.87
C GLU A 187 34.62 -58.26 30.45
N LYS A 188 34.98 -57.77 29.24
CA LYS A 188 36.38 -57.73 28.75
C LYS A 188 37.13 -56.48 29.29
N HIS A 189 36.41 -55.47 29.77
CA HIS A 189 36.97 -54.11 30.06
C HIS A 189 36.71 -53.72 31.52
N LYS A 190 37.55 -52.82 32.06
CA LYS A 190 37.48 -52.33 33.46
C LYS A 190 36.81 -50.95 33.51
N VAL A 191 37.41 -49.94 32.86
CA VAL A 191 37.06 -48.50 33.02
C VAL A 191 35.99 -48.11 31.99
N TYR A 192 34.80 -47.77 32.48
CA TYR A 192 33.69 -47.20 31.68
C TYR A 192 33.59 -45.71 32.01
N ALA A 193 33.76 -44.85 31.00
CA ALA A 193 33.90 -43.38 31.16
C ALA A 193 32.92 -42.66 30.25
N CYS A 194 32.21 -41.68 30.82
CA CYS A 194 31.37 -40.69 30.11
C CYS A 194 32.09 -39.34 30.18
N GLU A 195 32.54 -38.83 29.02
CA GLU A 195 33.24 -37.51 28.90
C GLU A 195 32.27 -36.48 28.31
N VAL A 196 32.05 -35.37 29.03
CA VAL A 196 31.02 -34.36 28.68
C VAL A 196 31.70 -33.03 28.35
N THR A 197 31.45 -32.51 27.14
CA THR A 197 31.86 -31.15 26.70
C THR A 197 30.62 -30.25 26.69
N HIS A 198 30.70 -29.10 27.37
CA HIS A 198 29.60 -28.11 27.48
C HIS A 198 30.19 -26.73 27.85
N GLN A 199 29.57 -25.66 27.38
CA GLN A 199 30.06 -24.27 27.52
C GLN A 199 30.07 -23.82 28.98
N GLY A 200 29.32 -24.49 29.86
CA GLY A 200 29.30 -24.22 31.31
C GLY A 200 30.53 -24.78 32.03
N LEU A 201 31.35 -25.58 31.35
CA LEU A 201 32.57 -26.22 31.90
C LEU A 201 33.80 -25.58 31.26
N SER A 202 34.90 -25.45 32.02
CA SER A 202 36.19 -24.85 31.57
C SER A 202 37.02 -25.88 30.80
N SER A 203 36.70 -27.17 30.92
CA SER A 203 37.26 -28.28 30.11
C SER A 203 36.33 -29.48 30.20
N PRO A 204 36.44 -30.48 29.30
CA PRO A 204 35.56 -31.65 29.35
C PRO A 204 35.61 -32.34 30.73
N VAL A 205 34.46 -32.79 31.21
CA VAL A 205 34.32 -33.47 32.54
C VAL A 205 34.08 -34.96 32.27
N THR A 206 34.80 -35.83 32.97
CA THR A 206 34.69 -37.31 32.84
C THR A 206 34.16 -37.89 34.15
N LYS A 207 33.07 -38.65 34.05
CA LYS A 207 32.54 -39.51 35.13
C LYS A 207 32.79 -40.96 34.72
N SER A 208 33.26 -41.80 35.65
CA SER A 208 33.64 -43.20 35.34
C SER A 208 33.39 -44.11 36.54
N PHE A 209 33.39 -45.42 36.28
CA PHE A 209 33.37 -46.50 37.30
C PHE A 209 34.26 -47.63 36.78
N ASN A 210 34.68 -48.51 37.67
CA ASN A 210 35.40 -49.76 37.34
C ASN A 210 34.42 -50.93 37.48
N ARG A 211 34.27 -51.73 36.43
CA ARG A 211 33.33 -52.88 36.40
C ARG A 211 33.57 -53.76 37.63
N GLY A 212 32.53 -53.97 38.45
CA GLY A 212 32.51 -54.93 39.56
C GLY A 212 33.01 -54.37 40.89
N GLU A 213 33.37 -53.08 40.97
CA GLU A 213 33.92 -52.44 42.20
C GLU A 213 32.78 -51.80 43.01
N GLN B 1 -17.38 -23.34 14.64
CA GLN B 1 -16.10 -22.92 13.97
C GLN B 1 -15.53 -24.10 13.16
N VAL B 2 -14.47 -23.84 12.40
CA VAL B 2 -13.85 -24.84 11.47
C VAL B 2 -13.16 -25.91 12.32
N GLN B 3 -13.38 -27.18 11.99
CA GLN B 3 -12.76 -28.33 12.68
C GLN B 3 -12.45 -29.41 11.63
N LEU B 4 -11.20 -29.89 11.61
CA LEU B 4 -10.80 -31.13 10.91
C LEU B 4 -10.46 -32.16 12.00
N VAL B 5 -11.17 -33.30 12.02
CA VAL B 5 -10.98 -34.38 13.03
C VAL B 5 -10.49 -35.63 12.29
N GLN B 6 -9.33 -36.15 12.67
CA GLN B 6 -8.68 -37.31 12.01
C GLN B 6 -8.96 -38.59 12.79
N SER B 7 -8.79 -39.74 12.12
CA SER B 7 -8.91 -41.10 12.72
C SER B 7 -7.77 -41.37 13.69
N GLY B 8 -7.95 -42.37 14.56
CA GLY B 8 -7.04 -42.74 15.66
C GLY B 8 -5.76 -43.37 15.15
N ALA B 9 -4.78 -43.54 16.05
CA ALA B 9 -3.43 -44.05 15.77
C ALA B 9 -3.50 -45.45 15.14
N GLU B 10 -2.52 -45.75 14.28
CA GLU B 10 -2.40 -47.03 13.54
C GLU B 10 -1.00 -47.61 13.77
N VAL B 11 -0.91 -48.93 13.95
CA VAL B 11 0.37 -49.69 13.98
C VAL B 11 0.29 -50.74 12.86
N LYS B 12 1.22 -50.69 11.90
CA LYS B 12 1.19 -51.51 10.67
C LYS B 12 2.53 -52.22 10.49
N LYS B 13 2.51 -53.37 9.80
CA LYS B 13 3.71 -54.13 9.38
C LYS B 13 4.21 -53.57 8.07
N PRO B 14 5.52 -53.67 7.74
CA PRO B 14 6.00 -53.31 6.41
C PRO B 14 5.21 -54.06 5.32
N GLY B 15 4.89 -53.37 4.21
CA GLY B 15 4.19 -53.95 3.05
C GLY B 15 2.68 -53.77 3.15
N ALA B 16 2.16 -53.43 4.33
CA ALA B 16 0.72 -53.19 4.58
C ALA B 16 0.34 -51.81 4.05
N SER B 17 -0.95 -51.48 4.08
CA SER B 17 -1.48 -50.14 3.73
C SER B 17 -2.16 -49.53 4.98
N VAL B 18 -2.35 -48.22 4.96
CA VAL B 18 -3.09 -47.47 6.01
C VAL B 18 -3.98 -46.45 5.30
N LYS B 19 -5.21 -46.28 5.78
CA LYS B 19 -6.17 -45.26 5.27
C LYS B 19 -6.56 -44.34 6.44
N VAL B 20 -6.07 -43.10 6.41
CA VAL B 20 -6.35 -42.06 7.44
C VAL B 20 -7.53 -41.22 6.97
N SER B 21 -8.50 -40.98 7.86
CA SER B 21 -9.70 -40.16 7.57
C SER B 21 -9.52 -38.77 8.17
N CYS B 22 -10.19 -37.78 7.60
CA CYS B 22 -10.12 -36.35 7.95
C CYS B 22 -11.52 -35.74 7.78
N LYS B 23 -12.29 -35.71 8.86
CA LYS B 23 -13.71 -35.25 8.88
C LYS B 23 -13.71 -33.72 9.08
N ALA B 24 -14.14 -32.97 8.06
CA ALA B 24 -14.22 -31.49 8.05
C ALA B 24 -15.63 -31.05 8.48
N SER B 25 -15.72 -29.94 9.23
CA SER B 25 -16.99 -29.27 9.57
C SER B 25 -16.75 -27.76 9.74
N GLY B 26 -17.83 -26.97 9.65
CA GLY B 26 -17.84 -25.54 9.99
C GLY B 26 -17.54 -24.63 8.80
N TYR B 27 -17.51 -25.16 7.58
CA TYR B 27 -17.25 -24.37 6.35
C TYR B 27 -17.74 -25.13 5.11
N PRO B 28 -17.91 -24.45 3.96
CA PRO B 28 -18.32 -25.10 2.71
C PRO B 28 -17.20 -26.02 2.19
N PHE B 29 -17.40 -27.33 2.31
CA PHE B 29 -16.40 -28.40 2.06
C PHE B 29 -15.83 -28.29 0.64
N THR B 30 -16.68 -28.12 -0.37
CA THR B 30 -16.31 -28.19 -1.82
C THR B 30 -15.65 -26.88 -2.28
N SER B 31 -15.54 -25.85 -1.43
CA SER B 31 -14.90 -24.55 -1.76
C SER B 31 -13.39 -24.62 -1.53
N TYR B 32 -12.89 -25.60 -0.77
CA TYR B 32 -11.47 -25.71 -0.38
C TYR B 32 -10.96 -27.13 -0.68
N GLY B 33 -9.77 -27.22 -1.26
CA GLY B 33 -9.03 -28.49 -1.34
C GLY B 33 -8.60 -28.94 0.05
N ILE B 34 -8.09 -30.17 0.15
CA ILE B 34 -7.44 -30.72 1.37
C ILE B 34 -5.98 -31.00 1.02
N SER B 35 -5.07 -30.56 1.87
CA SER B 35 -3.61 -30.83 1.75
C SER B 35 -3.18 -31.76 2.90
N TRP B 36 -2.22 -32.63 2.62
CA TRP B 36 -1.71 -33.63 3.59
C TRP B 36 -0.22 -33.40 3.80
N VAL B 37 0.19 -33.38 5.07
CA VAL B 37 1.59 -33.14 5.53
C VAL B 37 1.90 -34.21 6.58
N ARG B 38 3.12 -34.76 6.55
CA ARG B 38 3.55 -35.73 7.59
C ARG B 38 4.81 -35.20 8.31
N GLN B 39 4.99 -35.65 9.55
CA GLN B 39 6.10 -35.26 10.44
C GLN B 39 6.60 -36.51 11.17
N ALA B 40 7.77 -37.01 10.79
CA ALA B 40 8.49 -38.10 11.48
C ALA B 40 8.92 -37.61 12.87
N PRO B 41 9.02 -38.50 13.88
CA PRO B 41 9.38 -38.08 15.24
C PRO B 41 10.63 -37.19 15.24
N GLY B 42 10.50 -35.96 15.77
CA GLY B 42 11.61 -35.00 15.95
C GLY B 42 12.11 -34.38 14.64
N GLN B 43 11.37 -34.51 13.53
CA GLN B 43 11.80 -34.01 12.19
C GLN B 43 10.89 -32.86 11.76
N GLY B 44 11.11 -32.33 10.55
CA GLY B 44 10.34 -31.21 10.00
C GLY B 44 9.05 -31.66 9.31
N LEU B 45 8.41 -30.75 8.60
CA LEU B 45 7.15 -31.00 7.86
C LEU B 45 7.46 -31.42 6.43
N GLU B 46 6.79 -32.47 5.96
CA GLU B 46 6.95 -33.02 4.59
C GLU B 46 5.59 -33.03 3.91
N TRP B 47 5.45 -32.28 2.82
CA TRP B 47 4.21 -32.21 2.01
C TRP B 47 3.99 -33.55 1.30
N MET B 48 2.77 -34.10 1.36
CA MET B 48 2.43 -35.38 0.70
C MET B 48 1.63 -35.11 -0.57
N GLY B 49 0.66 -34.20 -0.52
CA GLY B 49 -0.14 -33.87 -1.72
C GLY B 49 -1.42 -33.10 -1.42
N TRP B 50 -2.22 -32.91 -2.46
CA TRP B 50 -3.41 -32.03 -2.53
C TRP B 50 -4.52 -32.75 -3.26
N ILE B 51 -5.77 -32.58 -2.80
CA ILE B 51 -6.98 -33.08 -3.51
C ILE B 51 -8.01 -31.95 -3.58
N SER B 52 -8.64 -31.78 -4.74
CA SER B 52 -9.87 -30.96 -4.91
C SER B 52 -11.06 -31.74 -4.36
N THR B 53 -11.79 -31.14 -3.43
CA THR B 53 -13.09 -31.65 -2.90
C THR B 53 -14.20 -31.48 -3.94
N TYR B 54 -13.93 -30.72 -5.00
CA TYR B 54 -14.95 -30.38 -6.03
C TYR B 54 -14.93 -31.40 -7.18
N ASN B 55 -13.75 -31.70 -7.75
CA ASN B 55 -13.63 -32.56 -8.96
C ASN B 55 -12.74 -33.78 -8.69
N GLY B 56 -12.21 -33.96 -7.48
CA GLY B 56 -11.40 -35.13 -7.11
C GLY B 56 -10.04 -35.17 -7.81
N ASN B 57 -9.61 -34.07 -8.45
CA ASN B 57 -8.23 -33.95 -8.98
C ASN B 57 -7.25 -34.00 -7.81
N THR B 58 -6.09 -34.63 -8.03
CA THR B 58 -5.04 -34.84 -6.99
C THR B 58 -3.68 -34.43 -7.55
N ASN B 59 -2.83 -33.92 -6.67
CA ASN B 59 -1.39 -33.67 -6.94
C ASN B 59 -0.59 -34.19 -5.75
N TYR B 60 0.29 -35.17 -5.99
CA TYR B 60 1.11 -35.83 -4.95
C TYR B 60 2.56 -35.42 -5.15
N ALA B 61 3.31 -35.28 -4.05
CA ALA B 61 4.79 -35.18 -4.07
C ALA B 61 5.34 -36.40 -4.80
N GLN B 62 6.38 -36.21 -5.63
CA GLN B 62 6.97 -37.23 -6.53
C GLN B 62 7.35 -38.47 -5.72
N LYS B 63 7.85 -38.25 -4.49
CA LYS B 63 8.31 -39.30 -3.53
C LYS B 63 7.19 -40.32 -3.27
N PHE B 64 5.91 -39.92 -3.32
CA PHE B 64 4.75 -40.78 -2.96
C PHE B 64 3.95 -41.22 -4.19
N GLN B 65 4.26 -40.69 -5.37
CA GLN B 65 3.56 -41.03 -6.65
C GLN B 65 3.56 -42.55 -6.86
N GLY B 66 2.38 -43.15 -7.03
CA GLY B 66 2.19 -44.60 -7.26
C GLY B 66 1.99 -45.40 -5.97
N ARG B 67 2.09 -44.73 -4.81
CA ARG B 67 2.00 -45.33 -3.44
C ARG B 67 0.84 -44.72 -2.65
N VAL B 68 0.38 -43.52 -3.01
CA VAL B 68 -0.60 -42.73 -2.21
C VAL B 68 -1.85 -42.51 -3.06
N THR B 69 -3.02 -42.59 -2.42
CA THR B 69 -4.34 -42.28 -3.02
C THR B 69 -5.09 -41.39 -2.04
N MET B 70 -5.46 -40.18 -2.49
CA MET B 70 -6.34 -39.26 -1.74
C MET B 70 -7.74 -39.28 -2.37
N THR B 71 -8.77 -39.38 -1.53
CA THR B 71 -10.20 -39.37 -1.93
C THR B 71 -10.97 -38.47 -0.98
N THR B 72 -12.20 -38.11 -1.35
CA THR B 72 -13.15 -37.38 -0.46
C THR B 72 -14.52 -38.06 -0.55
N ASP B 73 -15.25 -38.08 0.55
CA ASP B 73 -16.68 -38.46 0.63
C ASP B 73 -17.45 -37.16 0.90
N THR B 74 -18.19 -36.65 -0.09
CA THR B 74 -18.86 -35.33 -0.04
C THR B 74 -19.97 -35.34 1.01
N SER B 75 -20.80 -36.40 1.03
CA SER B 75 -21.98 -36.55 1.91
C SER B 75 -21.57 -36.49 3.40
N THR B 76 -20.37 -36.94 3.76
CA THR B 76 -19.83 -36.93 5.15
C THR B 76 -18.69 -35.90 5.29
N THR B 77 -18.50 -35.04 4.28
CA THR B 77 -17.42 -34.01 4.18
C THR B 77 -16.14 -34.54 4.85
N THR B 78 -15.65 -35.69 4.39
CA THR B 78 -14.47 -36.39 4.94
C THR B 78 -13.47 -36.63 3.81
N GLY B 79 -12.19 -36.30 4.04
CA GLY B 79 -11.06 -36.63 3.17
C GLY B 79 -10.35 -37.87 3.67
N TYR B 80 -9.78 -38.66 2.77
CA TYR B 80 -9.01 -39.89 3.10
C TYR B 80 -7.64 -39.82 2.42
N MET B 81 -6.61 -40.30 3.12
CA MET B 81 -5.25 -40.50 2.58
C MET B 81 -4.89 -41.97 2.78
N GLU B 82 -4.72 -42.71 1.69
CA GLU B 82 -4.27 -44.12 1.71
C GLU B 82 -2.81 -44.16 1.26
N LEU B 83 -1.92 -44.68 2.12
CA LEU B 83 -0.49 -44.92 1.77
C LEU B 83 -0.25 -46.42 1.83
N ARG B 84 0.29 -46.98 0.75
CA ARG B 84 0.46 -48.44 0.55
C ARG B 84 1.94 -48.81 0.64
N ARG B 85 2.24 -50.12 0.68
CA ARG B 85 3.62 -50.68 0.66
C ARG B 85 4.45 -49.92 1.71
N LEU B 86 3.92 -49.85 2.93
CA LEU B 86 4.50 -49.08 4.06
C LEU B 86 5.87 -49.64 4.41
N ARG B 87 6.79 -48.76 4.84
CA ARG B 87 8.13 -49.13 5.38
C ARG B 87 8.36 -48.33 6.66
N SER B 88 9.35 -48.73 7.46
CA SER B 88 9.63 -48.18 8.80
C SER B 88 9.70 -46.65 8.75
N ASP B 89 10.24 -46.08 7.68
CA ASP B 89 10.47 -44.61 7.54
C ASP B 89 9.20 -43.90 7.07
N ASP B 90 8.06 -44.58 7.03
CA ASP B 90 6.71 -43.95 6.89
C ASP B 90 6.16 -43.66 8.29
N THR B 91 6.87 -44.06 9.35
CA THR B 91 6.50 -43.74 10.75
C THR B 91 6.50 -42.22 10.91
N ALA B 92 5.36 -41.65 11.26
CA ALA B 92 5.15 -40.18 11.32
C ALA B 92 3.75 -39.87 11.83
N VAL B 93 3.54 -38.63 12.25
CA VAL B 93 2.18 -38.04 12.46
C VAL B 93 1.75 -37.52 11.09
N TYR B 94 0.58 -37.95 10.62
CA TYR B 94 -0.03 -37.54 9.33
C TYR B 94 -1.09 -36.49 9.62
N TYR B 95 -0.95 -35.31 9.02
CA TYR B 95 -1.88 -34.17 9.16
C TYR B 95 -2.64 -33.95 7.84
N CYS B 96 -3.94 -33.71 7.95
CA CYS B 96 -4.75 -33.06 6.91
C CYS B 96 -4.88 -31.58 7.29
N ALA B 97 -5.14 -30.72 6.30
CA ALA B 97 -5.31 -29.26 6.50
C ALA B 97 -6.24 -28.73 5.41
N ARG B 98 -7.07 -27.74 5.76
CA ARG B 98 -7.89 -27.01 4.77
C ARG B 98 -6.94 -26.20 3.89
N ASP B 99 -7.02 -26.39 2.58
CA ASP B 99 -6.04 -25.84 1.62
C ASP B 99 -6.59 -24.54 1.01
N TYR B 100 -5.74 -23.53 0.90
CA TYR B 100 -5.97 -22.33 0.06
C TYR B 100 -4.67 -22.00 -0.69
N THR B 101 -4.05 -23.01 -1.32
CA THR B 101 -2.84 -22.86 -2.16
C THR B 101 -3.18 -23.22 -3.61
N ARG B 102 -4.17 -24.08 -3.84
CA ARG B 102 -4.65 -24.45 -5.20
C ARG B 102 -6.18 -24.56 -5.18
N GLY B 103 -6.83 -23.95 -6.18
CA GLY B 103 -8.30 -23.86 -6.23
C GLY B 103 -8.96 -25.20 -6.47
N ALA B 104 -10.02 -25.50 -5.69
CA ALA B 104 -10.82 -26.74 -5.78
C ALA B 104 -11.50 -26.82 -7.15
N TRP B 105 -12.05 -25.71 -7.64
CA TRP B 105 -12.85 -25.66 -8.90
C TRP B 105 -11.93 -25.57 -10.13
N PHE B 106 -10.96 -24.65 -10.12
CA PHE B 106 -10.18 -24.29 -11.33
C PHE B 106 -8.73 -24.78 -11.28
N GLY B 107 -8.24 -25.21 -10.12
CA GLY B 107 -6.90 -25.84 -9.97
C GLY B 107 -5.76 -24.88 -10.25
N GLU B 108 -5.94 -23.58 -9.98
CA GLU B 108 -4.86 -22.57 -10.17
C GLU B 108 -4.33 -22.14 -8.80
N SER B 109 -3.11 -21.60 -8.76
CA SER B 109 -2.42 -21.22 -7.51
C SER B 109 -3.19 -20.07 -6.82
N LEU B 110 -3.35 -20.15 -5.49
CA LEU B 110 -4.11 -19.18 -4.65
C LEU B 110 -3.16 -18.46 -3.69
N ILE B 111 -3.53 -17.24 -3.31
CA ILE B 111 -2.86 -16.44 -2.23
C ILE B 111 -3.40 -16.97 -0.89
N GLY B 112 -2.66 -17.89 -0.27
CA GLY B 112 -3.03 -18.49 1.02
C GLY B 112 -2.07 -19.59 1.42
N GLY B 113 -2.47 -20.40 2.41
CA GLY B 113 -1.69 -21.54 2.91
C GLY B 113 -2.59 -22.68 3.34
N PHE B 114 -2.11 -23.48 4.27
CA PHE B 114 -2.88 -24.55 4.96
C PHE B 114 -3.38 -24.00 6.30
N ASP B 115 -4.70 -23.98 6.54
CA ASP B 115 -5.22 -23.61 7.88
C ASP B 115 -6.09 -24.74 8.45
N ASN B 116 -6.49 -24.58 9.70
CA ASN B 116 -7.44 -25.49 10.41
C ASN B 116 -6.94 -26.93 10.27
N TRP B 117 -5.67 -27.14 10.60
CA TRP B 117 -5.01 -28.47 10.55
C TRP B 117 -5.79 -29.43 11.45
N GLY B 118 -5.83 -30.71 11.08
CA GLY B 118 -6.31 -31.79 11.96
C GLY B 118 -5.37 -31.98 13.14
N GLN B 119 -5.80 -32.76 14.13
CA GLN B 119 -5.00 -33.02 15.36
C GLN B 119 -3.84 -33.95 15.02
N GLY B 120 -3.86 -34.58 13.84
CA GLY B 120 -2.82 -35.52 13.37
C GLY B 120 -3.18 -36.95 13.70
N THR B 121 -2.65 -37.90 12.92
CA THR B 121 -2.79 -39.36 13.12
C THR B 121 -1.38 -39.97 13.13
N LEU B 122 -0.99 -40.57 14.26
CA LEU B 122 0.30 -41.28 14.38
C LEU B 122 0.15 -42.63 13.68
N VAL B 123 1.02 -42.91 12.70
CA VAL B 123 1.16 -44.23 12.03
C VAL B 123 2.56 -44.75 12.34
N THR B 124 2.64 -45.91 12.98
CA THR B 124 3.92 -46.61 13.31
C THR B 124 4.03 -47.85 12.42
N VAL B 125 5.09 -47.92 11.62
CA VAL B 125 5.37 -49.05 10.69
C VAL B 125 6.60 -49.78 11.22
N SER B 126 6.45 -51.07 11.53
CA SER B 126 7.50 -51.88 12.19
C SER B 126 7.21 -53.38 12.06
N SER B 127 8.28 -54.16 11.85
CA SER B 127 8.32 -55.65 11.91
C SER B 127 7.99 -56.14 13.33
N ALA B 128 8.26 -55.32 14.35
CA ALA B 128 8.20 -55.71 15.78
C ALA B 128 6.78 -56.13 16.15
N SER B 129 6.65 -57.06 17.10
CA SER B 129 5.38 -57.46 17.74
C SER B 129 5.23 -56.71 19.08
N THR B 130 4.02 -56.62 19.61
CA THR B 130 3.74 -56.03 20.95
C THR B 130 4.57 -56.77 21.99
N LYS B 131 5.38 -56.04 22.76
CA LYS B 131 6.22 -56.59 23.85
C LYS B 131 6.28 -55.60 25.02
N GLY B 132 6.01 -56.08 26.24
CA GLY B 132 6.16 -55.32 27.48
C GLY B 132 7.64 -55.05 27.78
N PRO B 133 7.98 -53.96 28.50
CA PRO B 133 9.37 -53.63 28.78
C PRO B 133 9.99 -54.46 29.91
N SER B 134 11.31 -54.62 29.88
CA SER B 134 12.15 -55.02 31.03
C SER B 134 12.57 -53.75 31.77
N VAL B 135 12.41 -53.71 33.09
CA VAL B 135 12.74 -52.53 33.94
C VAL B 135 13.96 -52.88 34.81
N PHE B 136 15.08 -52.19 34.58
CA PHE B 136 16.36 -52.38 35.30
C PHE B 136 16.64 -51.14 36.14
N PRO B 137 17.20 -51.27 37.36
CA PRO B 137 17.53 -50.12 38.19
C PRO B 137 18.76 -49.40 37.62
N LEU B 138 18.77 -48.06 37.75
CA LEU B 138 19.97 -47.20 37.58
C LEU B 138 20.41 -46.79 38.98
N ALA B 139 21.41 -47.50 39.52
CA ALA B 139 21.82 -47.48 40.94
C ALA B 139 22.79 -46.33 41.17
N PRO B 140 22.53 -45.46 42.17
CA PRO B 140 23.32 -44.25 42.38
C PRO B 140 24.81 -44.52 42.64
N GLY B 148 26.93 -33.91 47.62
CA GLY B 148 25.67 -33.17 47.82
C GLY B 148 24.49 -33.87 47.18
N THR B 149 24.48 -33.94 45.84
CA THR B 149 23.35 -34.47 45.01
C THR B 149 23.73 -35.82 44.40
N ALA B 150 22.82 -36.79 44.47
CA ALA B 150 22.94 -38.12 43.86
C ALA B 150 21.83 -38.31 42.82
N ALA B 151 22.07 -39.13 41.81
CA ALA B 151 21.09 -39.48 40.76
C ALA B 151 20.77 -40.97 40.87
N LEU B 152 19.52 -41.33 40.63
CA LEU B 152 19.10 -42.74 40.39
C LEU B 152 17.98 -42.74 39.37
N GLY B 153 17.63 -43.91 38.86
CA GLY B 153 16.62 -44.02 37.79
C GLY B 153 16.21 -45.45 37.54
N CYS B 154 15.48 -45.68 36.46
CA CYS B 154 15.29 -47.04 35.90
C CYS B 154 15.34 -46.96 34.38
N LEU B 155 15.87 -48.03 33.78
CA LEU B 155 15.98 -48.24 32.32
C LEU B 155 14.81 -49.13 31.91
N VAL B 156 13.92 -48.60 31.07
CA VAL B 156 12.71 -49.28 30.55
C VAL B 156 13.06 -49.75 29.13
N LYS B 157 13.42 -51.03 28.98
CA LYS B 157 14.15 -51.53 27.79
C LYS B 157 13.34 -52.60 27.03
N ASP B 158 13.43 -52.56 25.70
CA ASP B 158 12.98 -53.62 24.77
C ASP B 158 11.46 -53.76 24.83
N TYR B 159 10.73 -52.66 24.58
CA TYR B 159 9.25 -52.66 24.49
C TYR B 159 8.83 -52.15 23.12
N PHE B 160 7.59 -52.48 22.74
CA PHE B 160 6.93 -52.02 21.49
C PHE B 160 5.42 -52.19 21.64
N PRO B 161 4.59 -51.23 21.15
CA PRO B 161 5.08 -49.95 20.63
C PRO B 161 5.15 -48.89 21.74
N GLU B 162 5.44 -47.64 21.37
CA GLU B 162 5.23 -46.46 22.24
C GLU B 162 3.74 -46.34 22.54
N PRO B 163 3.33 -45.71 23.67
CA PRO B 163 4.25 -45.21 24.69
C PRO B 163 4.32 -46.03 25.98
N VAL B 164 5.22 -45.64 26.88
CA VAL B 164 5.23 -46.06 28.32
C VAL B 164 5.05 -44.80 29.17
N THR B 165 4.46 -44.95 30.35
CA THR B 165 4.43 -43.90 31.41
C THR B 165 5.35 -44.34 32.54
N VAL B 166 6.08 -43.39 33.13
CA VAL B 166 6.94 -43.62 34.32
C VAL B 166 6.54 -42.58 35.37
N SER B 167 6.35 -43.03 36.61
CA SER B 167 6.19 -42.16 37.80
C SER B 167 7.18 -42.62 38.87
N TRP B 168 7.42 -41.78 39.88
CA TRP B 168 8.27 -42.11 41.04
C TRP B 168 7.44 -42.02 42.31
N ASN B 169 7.49 -43.07 43.14
CA ASN B 169 6.70 -43.21 44.39
C ASN B 169 5.24 -42.91 44.06
N SER B 170 4.70 -43.56 43.02
CA SER B 170 3.28 -43.51 42.56
C SER B 170 2.88 -42.08 42.20
N GLY B 171 3.82 -41.24 41.76
CA GLY B 171 3.57 -39.84 41.36
C GLY B 171 3.75 -38.86 42.51
N ALA B 172 4.08 -39.34 43.72
CA ALA B 172 4.34 -38.50 44.91
C ALA B 172 5.68 -37.76 44.77
N LEU B 173 6.61 -38.31 43.99
CA LEU B 173 7.94 -37.72 43.72
C LEU B 173 7.97 -37.17 42.28
N THR B 174 7.94 -35.84 42.14
CA THR B 174 8.03 -35.11 40.85
C THR B 174 9.28 -34.22 40.82
N SER B 175 9.69 -33.69 41.98
CA SER B 175 10.86 -32.79 42.15
C SER B 175 12.15 -33.53 41.72
N GLY B 176 12.85 -33.00 40.72
CA GLY B 176 14.14 -33.52 40.23
C GLY B 176 13.98 -34.66 39.21
N VAL B 177 12.75 -34.93 38.77
CA VAL B 177 12.42 -36.07 37.86
C VAL B 177 12.61 -35.64 36.40
N HIS B 178 13.30 -36.48 35.60
CA HIS B 178 13.36 -36.37 34.13
C HIS B 178 13.09 -37.74 33.50
N THR B 179 12.00 -37.87 32.77
CA THR B 179 11.70 -39.03 31.89
C THR B 179 12.06 -38.61 30.47
N PHE B 180 12.98 -39.33 29.84
CA PHE B 180 13.58 -38.95 28.54
C PHE B 180 12.75 -39.52 27.40
N PRO B 181 12.77 -38.88 26.21
CA PRO B 181 12.19 -39.49 25.01
C PRO B 181 12.86 -40.84 24.80
N ALA B 182 12.08 -41.84 24.39
CA ALA B 182 12.59 -43.19 24.05
C ALA B 182 13.46 -43.10 22.79
N VAL B 183 14.42 -44.01 22.64
CA VAL B 183 15.16 -44.20 21.37
C VAL B 183 14.73 -45.54 20.77
N LEU B 184 14.74 -45.64 19.45
CA LEU B 184 14.43 -46.88 18.70
C LEU B 184 15.75 -47.61 18.45
N GLN B 185 15.94 -48.77 19.06
CA GLN B 185 17.13 -49.64 18.89
C GLN B 185 17.01 -50.35 17.53
N SER B 186 18.14 -50.82 16.98
CA SER B 186 18.23 -51.56 15.69
C SER B 186 17.35 -52.83 15.74
N SER B 187 17.14 -53.40 16.93
CA SER B 187 16.25 -54.56 17.20
C SER B 187 14.80 -54.24 16.77
N GLY B 188 14.44 -52.95 16.67
CA GLY B 188 13.07 -52.49 16.40
C GLY B 188 12.30 -52.25 17.70
N LEU B 189 12.94 -52.45 18.85
CA LEU B 189 12.33 -52.23 20.19
C LEU B 189 12.81 -50.88 20.75
N TYR B 190 12.00 -50.28 21.61
CA TYR B 190 12.27 -48.96 22.24
C TYR B 190 13.01 -49.16 23.57
N SER B 191 13.79 -48.15 23.94
CA SER B 191 14.50 -48.05 25.24
C SER B 191 14.37 -46.60 25.76
N LEU B 192 14.05 -46.48 27.04
CA LEU B 192 13.74 -45.19 27.70
C LEU B 192 14.41 -45.19 29.08
N SER B 193 14.96 -44.05 29.50
CA SER B 193 15.47 -43.83 30.87
C SER B 193 14.59 -42.81 31.58
N SER B 194 14.39 -43.01 32.88
CA SER B 194 13.73 -42.06 33.82
C SER B 194 14.65 -41.91 35.03
N VAL B 195 15.03 -40.67 35.35
CA VAL B 195 15.99 -40.39 36.46
C VAL B 195 15.35 -39.38 37.42
N VAL B 196 15.82 -39.39 38.66
CA VAL B 196 15.49 -38.36 39.69
C VAL B 196 16.79 -38.05 40.44
N THR B 197 17.05 -36.77 40.68
CA THR B 197 18.16 -36.30 41.55
C THR B 197 17.61 -36.14 42.97
N VAL B 198 18.36 -36.62 43.96
CA VAL B 198 17.96 -36.63 45.40
C VAL B 198 19.17 -36.24 46.23
N PRO B 199 18.98 -35.78 47.49
CA PRO B 199 20.10 -35.57 48.40
C PRO B 199 20.92 -36.86 48.55
N SER B 200 22.24 -36.74 48.45
CA SER B 200 23.23 -37.82 48.73
C SER B 200 22.83 -38.59 49.99
N SER B 201 22.51 -37.85 51.07
CA SER B 201 22.25 -38.39 52.43
C SER B 201 20.93 -39.18 52.49
N SER B 202 20.03 -38.99 51.51
CA SER B 202 18.70 -39.65 51.46
C SER B 202 18.82 -41.07 50.89
N LEU B 203 19.97 -41.44 50.33
CA LEU B 203 20.24 -42.82 49.81
C LEU B 203 20.28 -43.81 50.98
N GLY B 204 19.54 -44.90 50.87
CA GLY B 204 19.51 -45.99 51.86
C GLY B 204 18.63 -45.69 53.07
N THR B 205 18.13 -44.46 53.17
CA THR B 205 17.20 -44.00 54.24
C THR B 205 15.81 -43.70 53.66
N GLN B 206 15.72 -43.46 52.34
CA GLN B 206 14.46 -43.15 51.61
C GLN B 206 14.20 -44.23 50.55
N THR B 207 12.95 -44.66 50.42
CA THR B 207 12.49 -45.67 49.43
C THR B 207 12.15 -44.97 48.11
N TYR B 208 12.77 -45.42 47.01
CA TYR B 208 12.54 -44.92 45.64
C TYR B 208 12.05 -46.08 44.76
N ILE B 209 10.81 -45.98 44.28
CA ILE B 209 10.14 -46.98 43.41
C ILE B 209 9.73 -46.27 42.12
N CYS B 210 10.19 -46.77 40.96
CA CYS B 210 9.68 -46.27 39.66
C CYS B 210 8.54 -47.19 39.20
N ASN B 211 7.42 -46.59 38.81
CA ASN B 211 6.17 -47.25 38.39
C ASN B 211 6.08 -47.12 36.86
N VAL B 212 6.21 -48.25 36.15
CA VAL B 212 6.18 -48.30 34.66
C VAL B 212 4.85 -48.90 34.23
N ASN B 213 4.16 -48.22 33.29
CA ASN B 213 2.94 -48.74 32.62
C ASN B 213 3.19 -48.74 31.12
N HIS B 214 2.99 -49.90 30.49
CA HIS B 214 2.91 -50.09 29.02
C HIS B 214 1.54 -50.68 28.69
N LYS B 215 0.58 -49.80 28.37
CA LYS B 215 -0.85 -50.15 28.16
C LYS B 215 -1.01 -51.10 26.97
N PRO B 216 -0.32 -50.89 25.83
CA PRO B 216 -0.44 -51.80 24.69
C PRO B 216 -0.21 -53.28 25.00
N SER B 217 0.70 -53.61 25.93
CA SER B 217 1.01 -54.99 26.37
C SER B 217 0.33 -55.30 27.72
N ASN B 218 -0.44 -54.36 28.27
CA ASN B 218 -1.10 -54.47 29.61
C ASN B 218 -0.05 -54.87 30.65
N THR B 219 1.14 -54.26 30.60
CA THR B 219 2.29 -54.50 31.50
C THR B 219 2.44 -53.34 32.50
N LYS B 220 2.38 -53.63 33.80
CA LYS B 220 2.70 -52.70 34.91
C LYS B 220 3.85 -53.30 35.73
N VAL B 221 4.93 -52.55 35.91
CA VAL B 221 6.12 -52.96 36.73
C VAL B 221 6.43 -51.86 37.74
N ASP B 222 6.59 -52.22 39.01
CA ASP B 222 7.13 -51.37 40.10
C ASP B 222 8.53 -51.88 40.43
N LYS B 223 9.57 -51.05 40.24
CA LYS B 223 10.97 -51.43 40.55
C LYS B 223 11.49 -50.51 41.66
N LYS B 224 11.77 -51.09 42.83
CA LYS B 224 12.48 -50.41 43.95
C LYS B 224 13.96 -50.31 43.56
N VAL B 225 14.49 -49.08 43.55
CA VAL B 225 15.90 -48.77 43.16
C VAL B 225 16.71 -48.61 44.45
N GLU B 226 17.65 -49.52 44.71
CA GLU B 226 18.50 -49.56 45.93
C GLU B 226 19.95 -49.26 45.55
N PRO B 227 20.81 -48.80 46.49
CA PRO B 227 22.17 -48.40 46.14
C PRO B 227 23.17 -49.53 45.89
N LYS B 228 23.31 -50.45 46.85
CA LYS B 228 24.47 -51.39 46.99
C LYS B 228 25.74 -50.58 47.24
N SER C 2 1.30 26.43 -15.66
CA SER C 2 0.21 25.64 -16.31
C SER C 2 0.82 24.66 -17.33
N VAL C 3 0.28 23.45 -17.41
CA VAL C 3 0.82 22.36 -18.29
C VAL C 3 0.36 22.59 -19.73
N LEU C 4 -0.88 23.08 -19.93
CA LEU C 4 -1.41 23.45 -21.28
C LEU C 4 -1.12 24.94 -21.51
N THR C 5 -0.90 25.33 -22.76
CA THR C 5 -0.53 26.71 -23.16
C THR C 5 -1.68 27.35 -23.94
N GLN C 6 -2.12 28.53 -23.51
CA GLN C 6 -3.12 29.38 -24.20
C GLN C 6 -2.54 30.79 -24.38
N PRO C 7 -3.03 31.57 -25.37
CA PRO C 7 -2.66 32.98 -25.46
C PRO C 7 -3.20 33.70 -24.23
N PRO C 8 -2.44 34.66 -23.65
CA PRO C 8 -2.94 35.40 -22.48
C PRO C 8 -4.23 36.19 -22.77
N SER C 9 -4.40 36.71 -23.99
CA SER C 9 -5.59 37.53 -24.33
C SER C 9 -5.91 37.46 -25.83
N VAL C 10 -7.20 37.58 -26.13
CA VAL C 10 -7.77 37.69 -27.51
C VAL C 10 -8.86 38.76 -27.46
N SER C 11 -9.04 39.49 -28.55
CA SER C 11 -10.14 40.49 -28.69
C SER C 11 -10.81 40.33 -30.07
N GLY C 12 -12.11 40.62 -30.13
CA GLY C 12 -12.87 40.76 -31.38
C GLY C 12 -14.04 41.70 -31.19
N ALA C 13 -14.55 42.29 -32.28
CA ALA C 13 -15.73 43.19 -32.26
C ALA C 13 -16.98 42.34 -32.14
N PRO C 14 -18.12 42.88 -31.63
CA PRO C 14 -19.38 42.15 -31.64
C PRO C 14 -19.67 41.60 -33.04
N GLY C 15 -20.23 40.39 -33.13
CA GLY C 15 -20.61 39.74 -34.40
C GLY C 15 -19.47 38.97 -35.03
N GLN C 16 -18.21 39.23 -34.67
CA GLN C 16 -17.01 38.61 -35.31
C GLN C 16 -16.79 37.20 -34.72
N ARG C 17 -15.86 36.45 -35.32
CA ARG C 17 -15.42 35.11 -34.87
C ARG C 17 -14.00 35.24 -34.32
N VAL C 18 -13.73 34.59 -33.19
CA VAL C 18 -12.38 34.47 -32.58
C VAL C 18 -12.13 32.99 -32.27
N THR C 19 -10.86 32.59 -32.22
CA THR C 19 -10.41 31.24 -31.80
C THR C 19 -9.45 31.39 -30.63
N ILE C 20 -9.49 30.44 -29.69
CA ILE C 20 -8.54 30.37 -28.55
C ILE C 20 -7.85 29.01 -28.63
N SER C 21 -6.52 29.02 -28.82
CA SER C 21 -5.68 27.81 -28.96
C SER C 21 -5.36 27.25 -27.58
N CYS C 22 -5.24 25.92 -27.51
CA CYS C 22 -4.82 25.13 -26.34
C CYS C 22 -3.84 24.09 -26.83
N THR C 23 -2.54 24.24 -26.50
CA THR C 23 -1.47 23.30 -26.91
C THR C 23 -1.03 22.49 -25.70
N GLY C 24 -1.00 21.17 -25.84
CA GLY C 24 -0.51 20.23 -24.82
C GLY C 24 0.71 19.48 -25.33
N SER C 25 0.77 18.18 -25.03
CA SER C 25 1.96 17.33 -25.27
C SER C 25 1.51 15.88 -25.45
N SER C 26 2.49 15.01 -25.73
CA SER C 26 2.34 13.55 -25.94
C SER C 26 1.67 12.87 -24.74
N SER C 27 1.76 13.44 -23.53
CA SER C 27 1.30 12.79 -22.28
C SER C 27 -0.13 13.22 -21.88
N ASN C 28 -0.72 14.22 -22.55
CA ASN C 28 -2.11 14.69 -22.23
C ASN C 28 -2.97 14.59 -23.50
N ILE C 29 -3.10 15.68 -24.27
CA ILE C 29 -3.97 15.72 -25.49
C ILE C 29 -3.46 14.69 -26.50
N GLY C 30 -2.14 14.58 -26.68
CA GLY C 30 -1.48 13.64 -27.62
C GLY C 30 -1.62 12.18 -27.20
N ALA C 31 -2.03 11.90 -25.96
CA ALA C 31 -2.23 10.54 -25.42
C ALA C 31 -3.70 10.13 -25.53
N GLY C 32 -4.54 10.96 -26.15
CA GLY C 32 -5.95 10.64 -26.46
C GLY C 32 -6.91 11.11 -25.38
N TYR C 33 -6.46 11.87 -24.38
CA TYR C 33 -7.33 12.41 -23.31
C TYR C 33 -8.12 13.60 -23.85
N ASP C 34 -9.40 13.67 -23.46
CA ASP C 34 -10.35 14.71 -23.89
C ASP C 34 -9.91 16.08 -23.39
N VAL C 35 -10.34 17.12 -24.07
CA VAL C 35 -10.20 18.54 -23.64
C VAL C 35 -11.59 19.05 -23.26
N HIS C 36 -11.70 19.66 -22.09
CA HIS C 36 -12.91 20.39 -21.63
C HIS C 36 -12.56 21.89 -21.58
N TRP C 37 -13.56 22.75 -21.72
CA TRP C 37 -13.37 24.22 -21.66
C TRP C 37 -14.29 24.80 -20.57
N TYR C 38 -13.78 25.78 -19.84
CA TYR C 38 -14.51 26.51 -18.78
C TYR C 38 -14.54 28.00 -19.13
N GLN C 39 -15.65 28.63 -18.79
CA GLN C 39 -15.85 30.09 -18.90
C GLN C 39 -15.91 30.65 -17.47
N GLN C 40 -15.06 31.61 -17.15
CA GLN C 40 -15.04 32.25 -15.81
C GLN C 40 -15.31 33.76 -15.95
N LEU C 41 -16.48 34.19 -15.50
CA LEU C 41 -16.81 35.63 -15.31
C LEU C 41 -16.08 36.12 -14.08
N PRO C 42 -15.69 37.42 -14.01
CA PRO C 42 -15.01 37.94 -12.83
C PRO C 42 -15.86 37.70 -11.57
N GLY C 43 -15.24 37.18 -10.51
CA GLY C 43 -15.87 36.94 -9.19
C GLY C 43 -16.81 35.76 -9.17
N THR C 44 -16.72 34.82 -10.12
CA THR C 44 -17.60 33.62 -10.17
C THR C 44 -16.74 32.36 -10.36
N ALA C 45 -17.27 31.20 -9.95
CA ALA C 45 -16.67 29.87 -10.20
C ALA C 45 -16.57 29.65 -11.70
N PRO C 46 -15.57 28.89 -12.21
CA PRO C 46 -15.60 28.43 -13.59
C PRO C 46 -16.95 27.77 -13.91
N LYS C 47 -17.44 27.97 -15.13
CA LYS C 47 -18.64 27.31 -15.71
C LYS C 47 -18.16 26.38 -16.83
N LEU C 48 -18.60 25.12 -16.81
CA LEU C 48 -18.33 24.15 -17.91
C LEU C 48 -18.98 24.67 -19.21
N LEU C 49 -18.17 24.86 -20.26
CA LEU C 49 -18.59 25.43 -21.56
C LEU C 49 -18.59 24.33 -22.64
N ILE C 50 -17.52 23.54 -22.69
CA ILE C 50 -17.35 22.38 -23.62
C ILE C 50 -16.82 21.19 -22.81
N TYR C 51 -17.36 19.99 -23.04
CA TYR C 51 -16.84 18.72 -22.47
C TYR C 51 -16.66 17.70 -23.60
N GLY C 52 -15.71 16.78 -23.43
CA GLY C 52 -15.37 15.74 -24.42
C GLY C 52 -15.04 16.35 -25.77
N ASN C 53 -14.24 17.42 -25.79
CA ASN C 53 -13.66 18.04 -27.01
C ASN C 53 -14.68 18.93 -27.72
N THR C 54 -15.95 18.51 -27.85
CA THR C 54 -16.92 19.12 -28.81
C THR C 54 -18.34 19.29 -28.23
N ASN C 55 -18.65 18.75 -27.05
CA ASN C 55 -20.05 18.70 -26.54
C ASN C 55 -20.37 19.98 -25.74
N ARG C 56 -21.57 20.53 -25.95
CA ARG C 56 -22.10 21.72 -25.23
C ARG C 56 -23.08 21.24 -24.16
N PRO C 57 -22.90 21.65 -22.88
CA PRO C 57 -23.97 21.52 -21.89
C PRO C 57 -25.24 22.25 -22.35
N SER C 58 -26.40 21.88 -21.79
CA SER C 58 -27.75 22.35 -22.20
C SER C 58 -27.79 23.87 -22.44
N GLY C 59 -27.23 24.66 -21.52
CA GLY C 59 -27.37 26.12 -21.52
C GLY C 59 -26.43 26.84 -22.46
N VAL C 60 -25.47 26.16 -23.09
CA VAL C 60 -24.37 26.78 -23.88
C VAL C 60 -24.80 26.87 -25.34
N PRO C 61 -24.82 28.09 -25.95
CA PRO C 61 -25.26 28.25 -27.34
C PRO C 61 -24.25 27.64 -28.32
N ASP C 62 -24.72 27.30 -29.54
CA ASP C 62 -23.92 26.64 -30.61
C ASP C 62 -22.92 27.64 -31.23
N ARG C 63 -22.92 28.90 -30.79
CA ARG C 63 -21.89 29.92 -31.13
C ARG C 63 -20.51 29.44 -30.64
N PHE C 64 -20.50 28.64 -29.57
CA PHE C 64 -19.29 28.02 -28.96
C PHE C 64 -19.11 26.62 -29.53
N SER C 65 -17.96 26.36 -30.15
CA SER C 65 -17.59 25.03 -30.67
C SER C 65 -16.15 24.69 -30.27
N GLY C 66 -15.92 23.44 -29.87
CA GLY C 66 -14.58 22.92 -29.53
C GLY C 66 -14.07 21.99 -30.61
N SER C 67 -12.76 21.92 -30.79
CA SER C 67 -12.08 20.91 -31.63
C SER C 67 -10.79 20.44 -30.94
N LYS C 68 -10.34 19.23 -31.27
CA LYS C 68 -9.11 18.59 -30.75
C LYS C 68 -8.45 17.85 -31.92
N SER C 69 -7.14 18.00 -32.06
CA SER C 69 -6.31 17.40 -33.14
C SER C 69 -4.85 17.30 -32.68
N GLY C 70 -4.27 16.10 -32.75
CA GLY C 70 -2.88 15.83 -32.36
C GLY C 70 -2.64 16.16 -30.90
N THR C 71 -1.79 17.15 -30.62
CA THR C 71 -1.43 17.59 -29.24
C THR C 71 -2.08 18.94 -28.91
N SER C 72 -3.08 19.39 -29.68
CA SER C 72 -3.69 20.73 -29.48
C SER C 72 -5.22 20.69 -29.61
N ALA C 73 -5.85 21.76 -29.14
CA ALA C 73 -7.31 21.96 -29.18
C ALA C 73 -7.59 23.45 -29.44
N SER C 74 -8.83 23.77 -29.79
CA SER C 74 -9.25 25.15 -30.14
C SER C 74 -10.70 25.36 -29.69
N LEU C 75 -10.99 26.52 -29.09
CA LEU C 75 -12.36 27.01 -28.84
C LEU C 75 -12.65 28.13 -29.86
N ALA C 76 -13.69 27.95 -30.68
CA ALA C 76 -14.18 28.95 -31.65
C ALA C 76 -15.47 29.56 -31.10
N ILE C 77 -15.53 30.90 -31.07
CA ILE C 77 -16.75 31.68 -30.72
C ILE C 77 -17.13 32.51 -31.95
N THR C 78 -18.28 32.21 -32.54
CA THR C 78 -18.88 32.94 -33.69
C THR C 78 -19.89 33.96 -33.13
N GLY C 79 -20.12 35.04 -33.86
CA GLY C 79 -21.04 36.13 -33.47
C GLY C 79 -20.80 36.56 -32.04
N LEU C 80 -19.60 37.07 -31.73
CA LEU C 80 -19.21 37.54 -30.38
C LEU C 80 -20.30 38.46 -29.82
N GLN C 81 -20.70 38.24 -28.57
CA GLN C 81 -21.62 39.11 -27.80
C GLN C 81 -20.89 39.57 -26.54
N ALA C 82 -21.28 40.74 -26.01
CA ALA C 82 -20.68 41.38 -24.80
C ALA C 82 -20.60 40.38 -23.64
N GLU C 83 -21.60 39.50 -23.52
CA GLU C 83 -21.74 38.53 -22.38
C GLU C 83 -20.70 37.41 -22.48
N ASP C 84 -20.00 37.26 -23.62
CA ASP C 84 -18.93 36.24 -23.82
C ASP C 84 -17.61 36.74 -23.22
N GLU C 85 -17.52 38.02 -22.88
CA GLU C 85 -16.32 38.61 -22.23
C GLU C 85 -16.09 37.90 -20.89
N ALA C 86 -14.93 37.24 -20.75
CA ALA C 86 -14.64 36.24 -19.70
C ALA C 86 -13.21 35.76 -19.84
N ASP C 87 -12.72 35.03 -18.82
CA ASP C 87 -11.50 34.19 -18.92
C ASP C 87 -11.93 32.78 -19.34
N TYR C 88 -11.23 32.19 -20.30
CA TYR C 88 -11.50 30.83 -20.85
C TYR C 88 -10.31 29.92 -20.52
N TYR C 89 -10.60 28.76 -19.93
CA TYR C 89 -9.59 27.76 -19.53
C TYR C 89 -9.86 26.47 -20.28
N CYS C 90 -8.83 25.94 -20.96
CA CYS C 90 -8.84 24.54 -21.44
C CYS C 90 -8.33 23.65 -20.30
N GLN C 91 -8.75 22.39 -20.34
CA GLN C 91 -8.48 21.41 -19.28
C GLN C 91 -8.39 20.03 -19.93
N SER C 92 -7.41 19.24 -19.51
CA SER C 92 -7.22 17.84 -19.96
C SER C 92 -6.65 17.02 -18.80
N TYR C 93 -6.06 15.88 -19.14
CA TYR C 93 -5.56 14.86 -18.21
C TYR C 93 -4.18 14.44 -18.69
N ASP C 94 -3.22 14.39 -17.77
CA ASP C 94 -1.82 14.03 -18.07
C ASP C 94 -1.50 12.73 -17.36
N SER C 95 -1.23 11.67 -18.12
CA SER C 95 -0.85 10.35 -17.61
C SER C 95 0.64 10.14 -17.90
N SER C 96 1.47 10.05 -16.85
CA SER C 96 2.92 9.77 -16.94
C SER C 96 3.38 8.91 -15.76
N LEU C 97 4.64 8.50 -15.78
CA LEU C 97 5.29 7.70 -14.70
C LEU C 97 5.35 8.53 -13.41
N SER C 98 5.28 9.86 -13.51
CA SER C 98 5.28 10.82 -12.37
C SER C 98 3.94 10.78 -11.63
N GLY C 99 2.85 10.56 -12.36
CA GLY C 99 1.48 10.60 -11.80
C GLY C 99 0.42 10.85 -12.86
N SER C 100 -0.84 10.75 -12.45
CA SER C 100 -2.03 11.05 -13.28
C SER C 100 -2.70 12.30 -12.71
N GLU C 101 -2.71 13.40 -13.47
CA GLU C 101 -3.17 14.71 -12.98
C GLU C 101 -4.13 15.36 -13.98
N VAL C 102 -5.17 16.00 -13.45
CA VAL C 102 -5.97 17.01 -14.20
C VAL C 102 -5.06 18.22 -14.42
N VAL C 103 -4.98 18.70 -15.65
CA VAL C 103 -4.09 19.82 -16.06
C VAL C 103 -4.94 20.91 -16.74
N PHE C 104 -4.52 22.16 -16.60
CA PHE C 104 -5.22 23.34 -17.16
C PHE C 104 -4.28 24.14 -18.05
N GLY C 105 -4.86 24.89 -18.99
CA GLY C 105 -4.21 26.04 -19.63
C GLY C 105 -4.14 27.22 -18.69
N GLY C 106 -3.29 28.20 -19.01
CA GLY C 106 -3.06 29.39 -18.17
C GLY C 106 -4.22 30.36 -18.18
N GLY C 107 -5.18 30.20 -19.10
CA GLY C 107 -6.34 31.08 -19.23
C GLY C 107 -6.13 32.12 -20.32
N THR C 108 -7.21 32.45 -21.03
CA THR C 108 -7.25 33.51 -22.07
C THR C 108 -8.31 34.52 -21.66
N LYS C 109 -7.92 35.78 -21.50
CA LYS C 109 -8.88 36.92 -21.33
C LYS C 109 -9.44 37.26 -22.71
N LEU C 110 -10.75 37.11 -22.90
CA LEU C 110 -11.46 37.54 -24.13
C LEU C 110 -12.08 38.91 -23.88
N THR C 111 -11.71 39.90 -24.69
CA THR C 111 -12.37 41.23 -24.74
C THR C 111 -13.26 41.30 -25.98
N VAL C 112 -14.54 41.64 -25.78
CA VAL C 112 -15.46 42.03 -26.89
C VAL C 112 -15.39 43.55 -27.01
N LEU C 113 -14.74 44.05 -28.05
CA LEU C 113 -14.36 45.48 -28.21
C LEU C 113 -15.63 46.34 -28.24
N GLY C 114 -15.85 47.15 -27.19
CA GLY C 114 -17.02 48.04 -27.05
C GLY C 114 -16.64 49.51 -27.15
N GLN C 115 -15.34 49.83 -27.30
CA GLN C 115 -14.85 51.23 -27.42
C GLN C 115 -13.52 51.21 -28.16
N PRO C 116 -13.01 52.37 -28.63
CA PRO C 116 -11.71 52.42 -29.29
C PRO C 116 -10.57 52.01 -28.34
N LYS C 117 -9.47 51.49 -28.91
CA LYS C 117 -8.26 51.10 -28.15
C LYS C 117 -7.61 52.36 -27.61
N ALA C 118 -7.18 52.33 -26.35
CA ALA C 118 -6.61 53.48 -25.59
C ALA C 118 -5.30 53.03 -24.94
N ALA C 119 -4.22 53.77 -25.21
CA ALA C 119 -2.87 53.54 -24.64
C ALA C 119 -2.87 53.87 -23.16
N PRO C 120 -2.08 53.17 -22.32
CA PRO C 120 -2.01 53.48 -20.90
C PRO C 120 -1.32 54.81 -20.63
N SER C 121 -1.83 55.57 -19.65
CA SER C 121 -1.11 56.67 -18.98
C SER C 121 -0.35 56.07 -17.78
N VAL C 122 0.97 56.29 -17.72
CA VAL C 122 1.88 55.69 -16.69
C VAL C 122 2.51 56.81 -15.86
N THR C 123 2.40 56.71 -14.53
CA THR C 123 3.10 57.58 -13.55
C THR C 123 3.95 56.68 -12.64
N LEU C 124 5.25 56.99 -12.51
CA LEU C 124 6.21 56.23 -11.66
C LEU C 124 6.69 57.13 -10.53
N PHE C 125 6.46 56.74 -9.27
CA PHE C 125 6.95 57.46 -8.07
C PHE C 125 8.16 56.74 -7.49
N PRO C 126 9.19 57.47 -7.06
CA PRO C 126 10.32 56.87 -6.35
C PRO C 126 9.95 56.65 -4.89
N PRO C 127 10.82 56.03 -4.06
CA PRO C 127 10.56 55.89 -2.64
C PRO C 127 10.52 57.29 -1.98
N SER C 128 9.63 57.46 -0.99
CA SER C 128 9.58 58.68 -0.15
C SER C 128 10.79 58.68 0.79
N SER C 129 11.29 59.86 1.16
CA SER C 129 12.36 60.00 2.18
C SER C 129 11.89 59.37 3.50
N GLU C 130 10.60 59.45 3.81
CA GLU C 130 10.02 58.87 5.06
C GLU C 130 10.18 57.34 5.02
N GLU C 131 9.93 56.69 3.89
CA GLU C 131 10.04 55.21 3.75
C GLU C 131 11.52 54.80 3.87
N LEU C 132 12.42 55.50 3.16
CA LEU C 132 13.89 55.24 3.20
C LEU C 132 14.39 55.34 4.65
N GLN C 133 13.90 56.32 5.42
CA GLN C 133 14.20 56.49 6.86
C GLN C 133 13.79 55.22 7.64
N ALA C 134 12.64 54.63 7.29
CA ALA C 134 12.11 53.39 7.91
C ALA C 134 12.84 52.17 7.34
N ASN C 135 13.89 52.37 6.53
CA ASN C 135 14.80 51.31 6.00
C ASN C 135 14.03 50.43 5.00
N LYS C 136 13.16 51.03 4.19
CA LYS C 136 12.37 50.34 3.12
C LYS C 136 12.39 51.23 1.88
N ALA C 137 12.04 50.67 0.71
CA ALA C 137 12.01 51.39 -0.58
C ALA C 137 11.01 50.74 -1.53
N THR C 138 9.97 51.47 -1.91
CA THR C 138 8.93 51.02 -2.87
C THR C 138 8.87 52.00 -4.04
N LEU C 139 9.11 51.51 -5.26
CA LEU C 139 8.78 52.24 -6.51
C LEU C 139 7.31 51.91 -6.85
N VAL C 140 6.52 52.94 -7.17
CA VAL C 140 5.05 52.81 -7.43
C VAL C 140 4.78 53.20 -8.89
N CYS C 141 4.35 52.23 -9.70
CA CYS C 141 4.03 52.39 -11.14
C CYS C 141 2.52 52.34 -11.32
N LEU C 142 1.89 53.47 -11.65
CA LEU C 142 0.42 53.59 -11.77
C LEU C 142 0.04 53.67 -13.25
N ILE C 143 -0.89 52.80 -13.65
CA ILE C 143 -1.25 52.54 -15.08
C ILE C 143 -2.77 52.72 -15.20
N SER C 144 -3.22 53.67 -16.00
CA SER C 144 -4.65 54.06 -16.09
C SER C 144 -5.07 54.33 -17.54
N ASP C 145 -6.39 54.32 -17.75
CA ASP C 145 -7.08 54.75 -19.00
C ASP C 145 -6.60 53.92 -20.19
N PHE C 146 -6.39 52.61 -20.02
CA PHE C 146 -6.05 51.69 -21.14
C PHE C 146 -7.25 50.78 -21.45
N TYR C 147 -7.33 50.36 -22.71
CA TYR C 147 -8.35 49.44 -23.26
C TYR C 147 -7.81 48.81 -24.54
N PRO C 148 -7.91 47.47 -24.74
CA PRO C 148 -8.48 46.54 -23.76
C PRO C 148 -7.70 46.43 -22.43
N GLY C 149 -8.30 45.77 -21.45
CA GLY C 149 -7.75 45.63 -20.07
C GLY C 149 -6.73 44.52 -19.96
N ALA C 150 -5.66 44.56 -20.77
CA ALA C 150 -4.56 43.58 -20.80
C ALA C 150 -3.22 44.30 -20.97
N VAL C 151 -2.35 44.19 -19.96
CA VAL C 151 -0.97 44.76 -20.00
C VAL C 151 0.02 43.74 -19.44
N THR C 152 1.30 43.88 -19.82
CA THR C 152 2.45 43.24 -19.14
C THR C 152 3.35 44.36 -18.63
N VAL C 153 3.90 44.18 -17.44
CA VAL C 153 4.78 45.18 -16.77
C VAL C 153 6.15 44.53 -16.57
N ALA C 154 7.21 45.16 -17.08
CA ALA C 154 8.63 44.78 -16.85
C ALA C 154 9.32 45.91 -16.09
N TRP C 155 10.16 45.56 -15.12
CA TRP C 155 10.98 46.52 -14.34
C TRP C 155 12.44 46.39 -14.76
N LYS C 156 13.16 47.52 -14.82
CA LYS C 156 14.60 47.56 -15.16
C LYS C 156 15.34 48.29 -14.02
N ALA C 157 16.43 47.67 -13.54
CA ALA C 157 17.49 48.31 -12.74
C ALA C 157 18.58 48.74 -13.72
N ASP C 158 18.79 50.05 -13.87
CA ASP C 158 19.58 50.63 -15.01
C ASP C 158 18.92 50.13 -16.30
N SER C 159 19.61 49.30 -17.09
CA SER C 159 19.10 48.73 -18.37
C SER C 159 18.80 47.23 -18.23
N SER C 160 18.94 46.67 -17.02
CA SER C 160 18.86 45.22 -16.76
C SER C 160 17.50 44.87 -16.15
N PRO C 161 16.82 43.81 -16.62
CA PRO C 161 15.53 43.42 -16.06
C PRO C 161 15.68 42.96 -14.60
N VAL C 162 14.63 43.18 -13.79
CA VAL C 162 14.53 42.74 -12.37
C VAL C 162 13.13 42.17 -12.13
N LYS C 163 13.03 40.88 -11.81
CA LYS C 163 11.76 40.17 -11.53
C LYS C 163 11.53 40.05 -10.02
N ALA C 164 12.60 40.06 -9.22
CA ALA C 164 12.55 39.97 -7.75
C ALA C 164 11.83 41.20 -7.18
N GLY C 165 10.89 40.99 -6.26
CA GLY C 165 10.24 42.05 -5.46
C GLY C 165 9.20 42.82 -6.26
N VAL C 166 8.71 42.25 -7.36
CA VAL C 166 7.68 42.86 -8.23
C VAL C 166 6.31 42.28 -7.84
N GLU C 167 5.35 43.16 -7.55
CA GLU C 167 3.93 42.81 -7.32
C GLU C 167 3.07 43.69 -8.23
N THR C 168 2.26 43.08 -9.10
CA THR C 168 1.43 43.77 -10.12
C THR C 168 -0.03 43.32 -9.96
N THR C 169 -0.97 44.26 -10.02
CA THR C 169 -2.42 43.98 -9.90
C THR C 169 -2.94 43.45 -11.24
N THR C 170 -4.08 42.75 -11.20
CA THR C 170 -4.92 42.45 -12.39
C THR C 170 -5.59 43.75 -12.81
N PRO C 171 -5.65 44.10 -14.12
CA PRO C 171 -6.43 45.25 -14.55
C PRO C 171 -7.88 45.16 -14.08
N SER C 172 -8.46 46.27 -13.64
CA SER C 172 -9.88 46.39 -13.23
C SER C 172 -10.50 47.64 -13.87
N LYS C 173 -11.79 47.58 -14.16
CA LYS C 173 -12.53 48.63 -14.91
C LYS C 173 -12.62 49.91 -14.07
N GLN C 174 -12.25 51.04 -14.67
CA GLN C 174 -12.51 52.39 -14.12
C GLN C 174 -13.98 52.74 -14.39
N SER C 175 -14.49 53.82 -13.81
CA SER C 175 -15.86 54.34 -14.06
C SER C 175 -16.08 54.50 -15.57
N ASN C 176 -15.09 55.03 -16.28
CA ASN C 176 -15.15 55.34 -17.74
C ASN C 176 -14.99 54.06 -18.58
N ASN C 177 -14.99 52.88 -17.94
CA ASN C 177 -14.98 51.54 -18.60
C ASN C 177 -13.63 51.25 -19.28
N LYS C 178 -12.66 52.17 -19.19
CA LYS C 178 -11.23 51.87 -19.44
C LYS C 178 -10.68 51.19 -18.16
N TYR C 179 -9.39 50.82 -18.16
CA TYR C 179 -8.81 49.97 -17.10
C TYR C 179 -7.65 50.67 -16.38
N ALA C 180 -7.46 50.27 -15.13
CA ALA C 180 -6.38 50.71 -14.22
C ALA C 180 -5.65 49.47 -13.71
N ALA C 181 -4.36 49.61 -13.46
CA ALA C 181 -3.51 48.62 -12.78
C ALA C 181 -2.36 49.35 -12.10
N SER C 182 -1.68 48.68 -11.18
CA SER C 182 -0.47 49.20 -10.51
C SER C 182 0.55 48.08 -10.39
N SER C 183 1.83 48.45 -10.36
CA SER C 183 2.97 47.55 -10.11
C SER C 183 3.86 48.19 -9.05
N TYR C 184 4.32 47.40 -8.08
CA TYR C 184 5.21 47.83 -6.98
C TYR C 184 6.53 47.05 -7.07
N LEU C 185 7.65 47.76 -7.07
CA LEU C 185 8.99 47.15 -6.94
C LEU C 185 9.53 47.43 -5.53
N SER C 186 9.70 46.38 -4.73
CA SER C 186 10.34 46.45 -3.39
C SER C 186 11.86 46.37 -3.54
N LEU C 187 12.57 47.33 -2.95
CA LEU C 187 14.06 47.38 -2.90
C LEU C 187 14.49 47.64 -1.45
N THR C 188 15.77 47.41 -1.15
CA THR C 188 16.47 47.97 0.02
C THR C 188 16.87 49.40 -0.35
N PRO C 189 16.98 50.33 0.63
CA PRO C 189 17.52 51.66 0.36
C PRO C 189 18.87 51.65 -0.38
N GLU C 190 19.70 50.62 -0.12
CA GLU C 190 21.08 50.48 -0.69
C GLU C 190 20.96 50.23 -2.20
N GLN C 191 20.12 49.27 -2.59
CA GLN C 191 19.80 48.98 -4.01
C GLN C 191 19.35 50.28 -4.69
N TRP C 192 18.32 50.93 -4.15
CA TRP C 192 17.76 52.20 -4.67
C TRP C 192 18.88 53.22 -4.89
N LYS C 193 19.71 53.45 -3.87
CA LYS C 193 20.74 54.52 -3.87
C LYS C 193 21.91 54.17 -4.81
N SER C 194 22.18 52.88 -5.03
CA SER C 194 23.42 52.39 -5.72
C SER C 194 23.24 52.42 -7.25
N HIS C 195 22.03 52.25 -7.76
CA HIS C 195 21.73 52.18 -9.23
C HIS C 195 21.60 53.60 -9.80
N ARG C 196 21.88 53.74 -11.11
CA ARG C 196 21.76 55.02 -11.85
C ARG C 196 20.27 55.39 -11.98
N SER C 197 19.40 54.41 -12.22
CA SER C 197 17.93 54.61 -12.33
C SER C 197 17.19 53.27 -12.27
N TYR C 198 15.87 53.33 -12.13
CA TYR C 198 14.91 52.21 -12.25
C TYR C 198 13.79 52.64 -13.20
N SER C 199 13.32 51.72 -14.04
CA SER C 199 12.27 51.98 -15.07
C SER C 199 11.11 50.99 -14.88
N CYS C 200 9.89 51.49 -15.07
CA CYS C 200 8.64 50.71 -15.24
C CYS C 200 8.23 50.73 -16.70
N GLN C 201 8.17 49.57 -17.35
CA GLN C 201 7.79 49.41 -18.78
C GLN C 201 6.44 48.71 -18.89
N VAL C 202 5.45 49.37 -19.50
CA VAL C 202 4.07 48.84 -19.68
C VAL C 202 3.87 48.56 -21.18
N THR C 203 3.64 47.30 -21.52
CA THR C 203 3.33 46.85 -22.90
C THR C 203 1.82 46.70 -23.03
N HIS C 204 1.23 47.38 -24.00
CA HIS C 204 -0.22 47.36 -24.30
C HIS C 204 -0.40 47.33 -25.81
N GLU C 205 -1.10 46.31 -26.33
CA GLU C 205 -1.47 46.20 -27.76
C GLU C 205 -0.26 46.46 -28.66
N GLY C 206 0.91 45.89 -28.32
CA GLY C 206 2.14 45.96 -29.13
C GLY C 206 2.93 47.25 -28.96
N SER C 207 2.43 48.19 -28.15
CA SER C 207 3.11 49.47 -27.80
C SER C 207 3.71 49.38 -26.39
N THR C 208 4.74 50.17 -26.10
CA THR C 208 5.40 50.21 -24.78
C THR C 208 5.44 51.64 -24.26
N VAL C 209 4.98 51.86 -23.04
CA VAL C 209 5.17 53.13 -22.28
C VAL C 209 6.19 52.84 -21.18
N GLU C 210 7.33 53.55 -21.20
CA GLU C 210 8.41 53.45 -20.20
C GLU C 210 8.50 54.76 -19.41
N LYS C 211 8.59 54.66 -18.08
CA LYS C 211 8.87 55.79 -17.15
C LYS C 211 10.07 55.41 -16.28
N THR C 212 10.96 56.37 -16.01
CA THR C 212 12.25 56.17 -15.28
C THR C 212 12.33 57.16 -14.13
N VAL C 213 12.82 56.70 -12.96
CA VAL C 213 13.12 57.55 -11.78
C VAL C 213 14.56 57.27 -11.34
N ALA C 214 15.19 58.24 -10.67
CA ALA C 214 16.59 58.16 -10.20
C ALA C 214 16.69 58.74 -8.79
N PRO C 215 17.64 58.27 -7.95
CA PRO C 215 17.99 58.98 -6.72
C PRO C 215 18.34 60.44 -7.04
N THR C 216 17.58 61.38 -6.48
CA THR C 216 17.76 62.85 -6.66
C THR C 216 18.93 63.33 -5.80
N GLN D 1 -31.18 23.30 -7.51
CA GLN D 1 -31.13 22.51 -6.25
C GLN D 1 -29.85 21.69 -6.17
N VAL D 2 -29.32 21.24 -7.31
CA VAL D 2 -27.95 20.62 -7.40
C VAL D 2 -26.94 21.71 -7.06
N GLN D 3 -26.26 21.61 -5.90
CA GLN D 3 -25.27 22.64 -5.48
C GLN D 3 -24.21 22.06 -4.55
N LEU D 4 -23.06 22.74 -4.52
CA LEU D 4 -21.97 22.55 -3.54
C LEU D 4 -21.80 23.87 -2.77
N VAL D 5 -21.87 23.81 -1.44
CA VAL D 5 -21.70 24.98 -0.54
C VAL D 5 -20.42 24.77 0.27
N GLN D 6 -19.46 25.68 0.13
CA GLN D 6 -18.14 25.61 0.79
C GLN D 6 -18.13 26.47 2.06
N SER D 7 -17.23 26.14 2.98
CA SER D 7 -16.96 26.87 4.25
C SER D 7 -16.43 28.28 3.95
N GLY D 8 -16.40 29.13 4.98
CA GLY D 8 -16.12 30.58 4.86
C GLY D 8 -14.63 30.86 4.73
N ALA D 9 -14.30 32.13 4.46
CA ALA D 9 -12.92 32.65 4.29
C ALA D 9 -12.07 32.29 5.50
N GLU D 10 -10.79 32.04 5.26
CA GLU D 10 -9.78 31.69 6.29
C GLU D 10 -8.56 32.60 6.11
N VAL D 11 -7.99 33.05 7.22
CA VAL D 11 -6.66 33.71 7.28
C VAL D 11 -5.80 32.85 8.20
N LYS D 12 -4.64 32.42 7.71
CA LYS D 12 -3.76 31.45 8.42
C LYS D 12 -2.32 31.96 8.36
N LYS D 13 -1.54 31.69 9.41
CA LYS D 13 -0.10 32.02 9.46
C LYS D 13 0.68 31.00 8.65
N PRO D 14 1.86 31.37 8.09
CA PRO D 14 2.76 30.39 7.47
C PRO D 14 3.04 29.24 8.45
N GLY D 15 3.08 28.01 7.95
CA GLY D 15 3.36 26.80 8.75
C GLY D 15 2.09 26.18 9.33
N ALA D 16 1.00 26.94 9.42
CA ALA D 16 -0.30 26.46 9.95
C ALA D 16 -0.99 25.59 8.89
N SER D 17 -2.14 25.00 9.25
CA SER D 17 -3.00 24.21 8.34
C SER D 17 -4.39 24.85 8.23
N VAL D 18 -5.12 24.47 7.18
CA VAL D 18 -6.53 24.88 6.93
C VAL D 18 -7.32 23.65 6.50
N LYS D 19 -8.57 23.52 6.94
CA LYS D 19 -9.52 22.46 6.53
C LYS D 19 -10.77 23.12 5.97
N VAL D 20 -10.95 23.08 4.65
CA VAL D 20 -12.12 23.63 3.90
C VAL D 20 -13.14 22.51 3.74
N SER D 21 -14.44 22.79 3.93
CA SER D 21 -15.54 21.83 3.72
C SER D 21 -16.29 22.17 2.43
N CYS D 22 -17.06 21.21 1.93
CA CYS D 22 -17.82 21.27 0.67
C CYS D 22 -19.04 20.37 0.82
N LYS D 23 -20.21 20.94 1.11
CA LYS D 23 -21.46 20.19 1.39
C LYS D 23 -22.29 20.11 0.11
N ALA D 24 -22.63 18.89 -0.32
CA ALA D 24 -23.46 18.63 -1.53
C ALA D 24 -24.93 18.51 -1.13
N SER D 25 -25.83 19.06 -1.95
CA SER D 25 -27.30 18.82 -1.87
C SER D 25 -27.90 18.80 -3.28
N GLY D 26 -29.10 18.24 -3.41
CA GLY D 26 -29.87 18.18 -4.67
C GLY D 26 -29.49 16.99 -5.53
N TYR D 27 -28.57 16.13 -5.09
CA TYR D 27 -28.14 14.91 -5.82
C TYR D 27 -27.58 13.88 -4.83
N THR D 28 -27.43 12.63 -5.28
CA THR D 28 -26.83 11.52 -4.50
C THR D 28 -25.31 11.71 -4.49
N PHE D 29 -24.78 12.26 -3.40
CA PHE D 29 -23.35 12.59 -3.17
C PHE D 29 -22.43 11.41 -3.53
N THR D 30 -22.76 10.19 -3.08
CA THR D 30 -21.87 9.01 -3.20
C THR D 30 -21.90 8.41 -4.62
N ASN D 31 -22.71 8.95 -5.54
CA ASN D 31 -22.74 8.50 -6.96
C ASN D 31 -21.71 9.29 -7.79
N TYR D 32 -21.06 10.30 -7.21
CA TYR D 32 -20.01 11.11 -7.87
C TYR D 32 -18.81 11.25 -6.94
N GLY D 33 -17.71 11.79 -7.48
CA GLY D 33 -16.55 12.19 -6.69
C GLY D 33 -16.52 13.70 -6.50
N ILE D 34 -15.46 14.18 -5.86
CA ILE D 34 -15.18 15.64 -5.69
C ILE D 34 -13.73 15.87 -6.12
N SER D 35 -13.51 16.87 -6.97
CA SER D 35 -12.17 17.38 -7.33
C SER D 35 -11.99 18.75 -6.68
N TRP D 36 -10.77 19.04 -6.24
CA TRP D 36 -10.40 20.36 -5.67
C TRP D 36 -9.48 21.08 -6.65
N VAL D 37 -9.83 22.33 -6.93
CA VAL D 37 -9.13 23.24 -7.90
C VAL D 37 -8.96 24.59 -7.19
N ARG D 38 -7.75 25.15 -7.19
CA ARG D 38 -7.47 26.44 -6.54
C ARG D 38 -6.98 27.44 -7.58
N GLN D 39 -7.08 28.71 -7.24
CA GLN D 39 -6.80 29.85 -8.14
C GLN D 39 -6.21 30.99 -7.30
N ALA D 40 -4.90 31.18 -7.39
CA ALA D 40 -4.17 32.30 -6.75
C ALA D 40 -4.73 33.59 -7.35
N PRO D 41 -4.73 34.71 -6.61
CA PRO D 41 -5.37 35.94 -7.06
C PRO D 41 -4.75 36.43 -8.38
N GLY D 42 -5.58 36.65 -9.40
CA GLY D 42 -5.17 37.10 -10.74
C GLY D 42 -4.48 36.02 -11.56
N GLN D 43 -4.52 34.75 -11.13
CA GLN D 43 -3.77 33.64 -11.80
C GLN D 43 -4.75 32.57 -12.31
N GLY D 44 -4.22 31.47 -12.85
CA GLY D 44 -5.00 30.40 -13.50
C GLY D 44 -5.53 29.37 -12.52
N LEU D 45 -6.33 28.44 -13.03
CA LEU D 45 -6.84 27.27 -12.27
C LEU D 45 -5.71 26.26 -12.09
N GLU D 46 -5.68 25.62 -10.93
CA GLU D 46 -4.68 24.58 -10.59
C GLU D 46 -5.39 23.47 -9.83
N TRP D 47 -5.37 22.26 -10.40
CA TRP D 47 -5.96 21.06 -9.77
C TRP D 47 -5.08 20.63 -8.58
N MET D 48 -5.71 20.21 -7.49
CA MET D 48 -5.05 19.77 -6.23
C MET D 48 -5.19 18.25 -6.07
N GLY D 49 -6.32 17.66 -6.47
CA GLY D 49 -6.62 16.24 -6.22
C GLY D 49 -8.08 15.93 -6.32
N TRP D 50 -8.43 14.64 -6.31
CA TRP D 50 -9.84 14.18 -6.27
C TRP D 50 -9.99 13.09 -5.22
N ILE D 51 -11.22 12.90 -4.75
CA ILE D 51 -11.62 11.77 -3.87
C ILE D 51 -12.88 11.15 -4.48
N SER D 52 -12.90 9.82 -4.63
CA SER D 52 -14.11 9.03 -4.97
C SER D 52 -14.91 8.85 -3.69
N ALA D 53 -16.18 9.29 -3.69
CA ALA D 53 -16.98 9.52 -2.46
C ALA D 53 -17.32 8.19 -1.77
N TYR D 54 -17.54 7.11 -2.53
CA TYR D 54 -18.05 5.84 -1.96
C TYR D 54 -16.97 5.18 -1.09
N LYS D 55 -15.75 4.99 -1.61
CA LYS D 55 -14.65 4.27 -0.92
C LYS D 55 -13.64 5.26 -0.32
N GLY D 56 -13.69 6.54 -0.70
CA GLY D 56 -12.77 7.59 -0.22
C GLY D 56 -11.37 7.41 -0.75
N ASN D 57 -11.20 6.80 -1.92
CA ASN D 57 -9.88 6.66 -2.61
C ASN D 57 -9.49 8.02 -3.17
N THR D 58 -8.22 8.40 -3.05
CA THR D 58 -7.74 9.77 -3.35
C THR D 58 -6.57 9.71 -4.35
N ASN D 59 -6.42 10.81 -5.09
CA ASN D 59 -5.31 11.07 -6.02
C ASN D 59 -4.94 12.54 -5.89
N TYR D 60 -3.70 12.84 -5.46
CA TYR D 60 -3.22 14.21 -5.15
C TYR D 60 -2.19 14.65 -6.19
N ALA D 61 -2.19 15.94 -6.52
CA ALA D 61 -1.16 16.60 -7.35
C ALA D 61 0.22 16.37 -6.71
N GLN D 62 1.21 16.03 -7.53
CA GLN D 62 2.62 15.78 -7.09
C GLN D 62 3.14 17.03 -6.36
N LYS D 63 2.77 18.22 -6.84
CA LYS D 63 3.18 19.55 -6.29
C LYS D 63 2.81 19.67 -4.81
N LEU D 64 1.71 19.06 -4.36
CA LEU D 64 1.22 19.13 -2.94
C LEU D 64 1.73 17.91 -2.16
N GLN D 65 2.98 17.50 -2.43
CA GLN D 65 3.68 16.30 -1.90
C GLN D 65 3.33 16.08 -0.43
N GLY D 66 2.31 15.25 -0.17
CA GLY D 66 1.90 14.80 1.17
C GLY D 66 1.61 15.94 2.13
N ARG D 67 1.15 17.09 1.63
CA ARG D 67 0.69 18.26 2.44
C ARG D 67 -0.83 18.29 2.50
N VAL D 68 -1.49 17.58 1.59
CA VAL D 68 -2.96 17.66 1.37
C VAL D 68 -3.60 16.31 1.75
N THR D 69 -4.73 16.37 2.45
CA THR D 69 -5.58 15.20 2.80
C THR D 69 -7.02 15.52 2.41
N MET D 70 -7.62 14.70 1.55
CA MET D 70 -9.04 14.83 1.17
C MET D 70 -9.82 13.69 1.81
N THR D 71 -10.96 14.01 2.42
CA THR D 71 -11.88 13.04 3.06
C THR D 71 -13.31 13.39 2.65
N THR D 72 -14.24 12.47 2.93
CA THR D 72 -15.70 12.72 2.82
C THR D 72 -16.38 12.16 4.06
N ASP D 73 -17.47 12.80 4.47
CA ASP D 73 -18.43 12.29 5.49
C ASP D 73 -19.72 11.93 4.72
N THR D 74 -19.95 10.63 4.48
CA THR D 74 -21.12 10.10 3.73
C THR D 74 -22.43 10.56 4.38
N SER D 75 -22.48 10.61 5.71
CA SER D 75 -23.71 10.86 6.52
C SER D 75 -24.14 12.33 6.44
N THR D 76 -23.22 13.27 6.12
CA THR D 76 -23.51 14.72 5.96
C THR D 76 -23.27 15.16 4.50
N SER D 77 -22.95 14.23 3.59
CA SER D 77 -22.68 14.51 2.16
C SER D 77 -21.67 15.66 2.04
N THR D 78 -20.59 15.61 2.84
CA THR D 78 -19.59 16.69 2.94
C THR D 78 -18.20 16.16 2.59
N ALA D 79 -17.50 16.85 1.69
CA ALA D 79 -16.09 16.62 1.32
C ALA D 79 -15.22 17.65 2.05
N TYR D 80 -14.02 17.25 2.48
CA TYR D 80 -13.05 18.09 3.21
C TYR D 80 -11.71 18.09 2.47
N MET D 81 -11.07 19.24 2.44
CA MET D 81 -9.68 19.43 1.95
C MET D 81 -8.85 20.08 3.07
N GLU D 82 -7.88 19.33 3.61
CA GLU D 82 -6.91 19.83 4.60
C GLU D 82 -5.56 20.05 3.91
N LEU D 83 -5.04 21.27 3.96
CA LEU D 83 -3.69 21.64 3.44
C LEU D 83 -2.83 22.09 4.62
N ARG D 84 -1.69 21.41 4.83
CA ARG D 84 -0.78 21.63 5.97
C ARG D 84 0.45 22.42 5.50
N SER D 85 1.25 22.90 6.45
CA SER D 85 2.52 23.66 6.22
C SER D 85 2.28 24.77 5.19
N LEU D 86 1.24 25.59 5.42
CA LEU D 86 0.84 26.67 4.47
C LEU D 86 2.03 27.59 4.24
N ARG D 87 2.20 28.03 3.00
CA ARG D 87 3.21 29.05 2.58
C ARG D 87 2.47 30.10 1.75
N SER D 88 3.14 31.22 1.44
CA SER D 88 2.56 32.39 0.72
C SER D 88 1.88 31.95 -0.58
N ASP D 89 2.47 31.02 -1.35
CA ASP D 89 1.94 30.67 -2.70
C ASP D 89 0.73 29.71 -2.57
N ASP D 90 0.31 29.37 -1.35
CA ASP D 90 -0.97 28.66 -1.07
C ASP D 90 -2.13 29.66 -0.99
N THR D 91 -1.88 30.97 -0.95
CA THR D 91 -2.94 32.00 -0.97
C THR D 91 -3.74 31.87 -2.26
N ALA D 92 -5.05 31.60 -2.16
CA ALA D 92 -5.90 31.30 -3.34
C ALA D 92 -7.37 31.22 -2.94
N VAL D 93 -8.25 31.26 -3.93
CA VAL D 93 -9.65 30.77 -3.80
C VAL D 93 -9.61 29.26 -4.07
N TYR D 94 -10.14 28.47 -3.14
CA TYR D 94 -10.20 26.99 -3.21
C TYR D 94 -11.62 26.60 -3.62
N TYR D 95 -11.75 25.87 -4.73
CA TYR D 95 -13.03 25.35 -5.26
C TYR D 95 -13.07 23.83 -5.06
N CYS D 96 -14.23 23.32 -4.65
CA CYS D 96 -14.62 21.92 -4.87
C CYS D 96 -15.52 21.90 -6.11
N ALA D 97 -15.51 20.79 -6.84
CA ALA D 97 -16.21 20.64 -8.12
C ALA D 97 -16.51 19.16 -8.35
N ARG D 98 -17.56 18.87 -9.11
CA ARG D 98 -18.05 17.49 -9.37
C ARG D 98 -17.69 17.09 -10.79
N PRO D 99 -16.74 16.17 -11.01
CA PRO D 99 -16.56 15.55 -12.33
C PRO D 99 -17.90 14.91 -12.73
N ASP D 100 -18.41 15.23 -13.91
CA ASP D 100 -19.75 14.79 -14.37
C ASP D 100 -19.66 13.35 -14.86
N TYR D 101 -19.61 12.41 -13.92
CA TYR D 101 -19.40 10.96 -14.15
C TYR D 101 -20.09 10.18 -13.04
N GLN D 102 -21.11 9.41 -13.40
CA GLN D 102 -21.72 8.43 -12.47
C GLN D 102 -21.82 7.08 -13.17
N VAL D 103 -21.77 6.01 -12.39
CA VAL D 103 -21.98 4.62 -12.87
C VAL D 103 -22.73 3.87 -11.78
N LEU D 104 -23.34 2.74 -12.14
CA LEU D 104 -23.91 1.77 -11.18
C LEU D 104 -22.73 1.15 -10.43
N GLY D 105 -22.63 1.42 -9.12
CA GLY D 105 -21.52 0.97 -8.27
C GLY D 105 -20.61 2.13 -7.93
N TYR D 106 -19.30 1.96 -8.05
CA TYR D 106 -18.30 3.01 -7.76
C TYR D 106 -17.09 2.87 -8.68
N ASP D 107 -16.34 3.95 -8.82
CA ASP D 107 -15.12 4.02 -9.68
C ASP D 107 -14.22 5.16 -9.18
N PHE D 108 -12.94 4.87 -8.99
CA PHE D 108 -11.89 5.82 -8.53
C PHE D 108 -11.51 6.77 -9.68
N TRP D 109 -11.55 6.31 -10.93
CA TRP D 109 -10.93 7.01 -12.08
C TRP D 109 -11.87 8.09 -12.64
N ILE D 110 -11.96 9.24 -11.94
CA ILE D 110 -12.96 10.31 -12.23
C ILE D 110 -12.30 11.55 -12.86
N GLY D 111 -10.99 11.50 -13.16
CA GLY D 111 -10.22 12.68 -13.61
C GLY D 111 -10.45 13.03 -15.08
N TYR D 112 -11.10 12.16 -15.86
CA TYR D 112 -11.22 12.28 -17.33
C TYR D 112 -12.36 13.22 -17.73
N TYR D 113 -13.21 13.61 -16.78
CA TYR D 113 -14.58 14.14 -17.03
C TYR D 113 -14.68 15.61 -16.65
N GLY D 114 -15.36 16.39 -17.50
CA GLY D 114 -15.63 17.82 -17.25
C GLY D 114 -16.38 18.02 -15.94
N MET D 115 -16.02 19.06 -15.19
CA MET D 115 -16.62 19.37 -13.87
C MET D 115 -17.82 20.30 -14.11
N ASP D 116 -19.03 19.82 -13.83
CA ASP D 116 -20.30 20.52 -14.19
C ASP D 116 -20.78 21.38 -13.01
N VAL D 117 -20.65 20.90 -11.78
CA VAL D 117 -21.12 21.62 -10.56
C VAL D 117 -19.89 22.10 -9.79
N TRP D 118 -19.84 23.40 -9.48
CA TRP D 118 -18.75 24.03 -8.69
C TRP D 118 -19.34 24.67 -7.43
N GLY D 119 -18.63 24.56 -6.30
CA GLY D 119 -18.88 25.37 -5.10
C GLY D 119 -18.61 26.83 -5.39
N GLN D 120 -18.97 27.71 -4.46
CA GLN D 120 -18.82 29.19 -4.62
C GLN D 120 -17.36 29.60 -4.39
N GLY D 121 -16.53 28.69 -3.89
CA GLY D 121 -15.12 28.98 -3.57
C GLY D 121 -14.94 29.41 -2.13
N THR D 122 -13.73 29.19 -1.60
CA THR D 122 -13.29 29.61 -0.24
C THR D 122 -11.97 30.36 -0.38
N THR D 123 -11.94 31.63 0.03
CA THR D 123 -10.69 32.45 0.06
C THR D 123 -9.85 31.96 1.23
N VAL D 124 -8.62 31.54 0.96
CA VAL D 124 -7.57 31.24 1.98
C VAL D 124 -6.40 32.20 1.72
N ILE D 125 -6.13 33.06 2.68
CA ILE D 125 -4.97 33.99 2.64
C ILE D 125 -3.98 33.57 3.74
N VAL D 126 -2.72 33.38 3.34
CA VAL D 126 -1.59 33.09 4.26
C VAL D 126 -0.96 34.42 4.63
N SER D 127 -1.08 34.82 5.90
CA SER D 127 -0.63 36.12 6.45
C SER D 127 -0.25 35.95 7.92
N SER D 128 0.76 36.69 8.37
CA SER D 128 1.22 36.71 9.79
C SER D 128 0.28 37.59 10.64
N ALA D 129 -0.51 38.49 10.00
CA ALA D 129 -1.51 39.34 10.67
C ALA D 129 -2.88 39.11 10.02
N SER D 130 -3.94 38.98 10.83
CA SER D 130 -5.35 38.82 10.37
C SER D 130 -6.09 40.15 10.49
N THR D 131 -5.42 41.17 11.02
CA THR D 131 -5.85 42.60 10.96
C THR D 131 -4.63 43.48 11.25
N LYS D 132 -4.36 44.45 10.38
CA LYS D 132 -3.22 45.39 10.53
C LYS D 132 -3.59 46.70 9.85
N GLY D 133 -3.39 47.82 10.56
CA GLY D 133 -3.60 49.18 10.02
C GLY D 133 -2.47 49.56 9.07
N PRO D 134 -2.73 50.45 8.09
CA PRO D 134 -1.72 50.83 7.10
C PRO D 134 -0.65 51.79 7.64
N SER D 135 0.54 51.73 7.03
CA SER D 135 1.59 52.78 7.13
C SER D 135 1.49 53.64 5.87
N VAL D 136 1.26 54.95 6.05
CA VAL D 136 1.00 55.88 4.92
C VAL D 136 2.26 56.72 4.69
N PHE D 137 2.74 56.72 3.46
CA PHE D 137 3.93 57.48 3.00
C PHE D 137 3.50 58.46 1.92
N PRO D 138 4.05 59.69 1.91
CA PRO D 138 3.69 60.69 0.91
C PRO D 138 4.43 60.40 -0.40
N LEU D 139 3.73 60.47 -1.53
CA LEU D 139 4.34 60.46 -2.88
C LEU D 139 4.46 61.91 -3.36
N ALA D 140 5.66 62.50 -3.22
CA ALA D 140 5.94 63.93 -3.48
C ALA D 140 5.52 64.30 -4.89
N PRO D 141 4.99 65.52 -5.11
CA PRO D 141 4.52 65.93 -6.43
C PRO D 141 5.64 65.78 -7.47
N SER D 142 5.29 65.20 -8.61
CA SER D 142 6.20 64.93 -9.75
C SER D 142 5.51 65.38 -11.04
N SER D 143 6.24 66.12 -11.89
CA SER D 143 5.79 66.53 -13.23
C SER D 143 6.70 65.88 -14.28
N LYS D 144 6.11 65.32 -15.32
CA LYS D 144 6.85 64.74 -16.49
C LYS D 144 7.42 65.89 -17.31
N SER D 145 8.40 65.60 -18.18
CA SER D 145 9.02 66.57 -19.11
C SER D 145 7.95 67.13 -20.07
N THR D 146 7.01 66.27 -20.49
CA THR D 146 5.93 66.56 -21.47
C THR D 146 4.95 67.60 -20.90
N SER D 147 4.50 67.40 -19.65
CA SER D 147 3.43 68.21 -19.00
C SER D 147 3.96 68.88 -17.73
N GLY D 148 4.98 69.74 -17.86
CA GLY D 148 5.65 70.44 -16.75
C GLY D 148 4.67 71.19 -15.85
N GLY D 149 3.64 71.81 -16.43
CA GLY D 149 2.64 72.64 -15.73
C GLY D 149 1.68 71.82 -14.86
N THR D 150 1.61 70.50 -15.08
CA THR D 150 0.78 69.56 -14.26
C THR D 150 1.70 68.69 -13.41
N ALA D 151 1.27 68.40 -12.17
CA ALA D 151 1.98 67.53 -11.21
C ALA D 151 1.04 66.44 -10.73
N ALA D 152 1.56 65.22 -10.59
CA ALA D 152 0.93 64.08 -9.88
C ALA D 152 1.55 63.99 -8.49
N LEU D 153 0.72 63.92 -7.46
CA LEU D 153 1.14 63.66 -6.05
C LEU D 153 0.18 62.61 -5.48
N GLY D 154 0.57 61.93 -4.40
CA GLY D 154 -0.27 60.84 -3.88
C GLY D 154 0.16 60.39 -2.49
N CYS D 155 -0.45 59.30 -2.05
CA CYS D 155 -0.12 58.58 -0.80
C CYS D 155 -0.01 57.09 -1.09
N LEU D 156 1.08 56.48 -0.63
CA LEU D 156 1.29 55.00 -0.61
C LEU D 156 0.72 54.48 0.70
N VAL D 157 -0.32 53.66 0.62
CA VAL D 157 -1.01 53.05 1.80
C VAL D 157 -0.53 51.60 1.90
N LYS D 158 0.38 51.33 2.83
CA LYS D 158 1.26 50.13 2.83
C LYS D 158 0.83 49.15 3.93
N ASP D 159 0.72 47.87 3.59
CA ASP D 159 0.76 46.71 4.54
C ASP D 159 -0.43 46.78 5.50
N TYR D 160 -1.65 46.70 4.97
CA TYR D 160 -2.89 46.66 5.78
C TYR D 160 -3.66 45.37 5.44
N PHE D 161 -4.56 44.98 6.34
CA PHE D 161 -5.42 43.78 6.21
C PHE D 161 -6.54 43.85 7.23
N PRO D 162 -7.78 43.43 6.88
CA PRO D 162 -8.15 43.11 5.50
C PRO D 162 -8.54 44.38 4.72
N GLU D 163 -9.09 44.20 3.53
CA GLU D 163 -9.82 45.25 2.78
C GLU D 163 -11.08 45.61 3.56
N PRO D 164 -11.70 46.80 3.35
CA PRO D 164 -11.13 47.86 2.52
C PRO D 164 -10.44 48.99 3.30
N VAL D 165 -9.74 49.85 2.55
CA VAL D 165 -9.23 51.17 2.99
C VAL D 165 -10.00 52.23 2.19
N THR D 166 -10.35 53.37 2.80
CA THR D 166 -10.89 54.54 2.07
C THR D 166 -9.86 55.67 2.12
N VAL D 167 -9.68 56.37 1.00
CA VAL D 167 -8.79 57.57 0.88
C VAL D 167 -9.63 58.73 0.37
N SER D 168 -9.66 59.84 1.11
CA SER D 168 -10.15 61.16 0.64
C SER D 168 -8.96 62.13 0.63
N TRP D 169 -9.14 63.31 0.02
CA TRP D 169 -8.11 64.37 -0.07
C TRP D 169 -8.67 65.68 0.50
N ASN D 170 -7.93 66.30 1.41
CA ASN D 170 -8.31 67.57 2.09
C ASN D 170 -9.74 67.42 2.62
N SER D 171 -10.01 66.33 3.35
CA SER D 171 -11.28 66.01 4.03
C SER D 171 -12.47 66.13 3.08
N GLY D 172 -12.30 65.70 1.82
CA GLY D 172 -13.38 65.63 0.82
C GLY D 172 -13.49 66.87 -0.07
N ALA D 173 -12.71 67.92 0.20
CA ALA D 173 -12.72 69.19 -0.58
C ALA D 173 -12.15 68.97 -1.98
N LEU D 174 -11.22 68.03 -2.13
CA LEU D 174 -10.53 67.73 -3.42
C LEU D 174 -11.02 66.38 -3.95
N THR D 175 -11.66 66.38 -5.11
CA THR D 175 -12.23 65.16 -5.78
C THR D 175 -11.79 65.07 -7.24
N SER D 176 -11.72 66.19 -7.97
CA SER D 176 -11.30 66.20 -9.40
C SER D 176 -9.81 65.83 -9.49
N GLY D 177 -9.48 64.90 -10.40
CA GLY D 177 -8.11 64.42 -10.65
C GLY D 177 -7.68 63.34 -9.67
N VAL D 178 -8.56 62.92 -8.74
CA VAL D 178 -8.24 61.88 -7.72
C VAL D 178 -8.48 60.50 -8.32
N HIS D 179 -7.47 59.63 -8.23
CA HIS D 179 -7.51 58.21 -8.69
C HIS D 179 -6.94 57.32 -7.57
N THR D 180 -7.81 56.65 -6.82
CA THR D 180 -7.45 55.62 -5.82
C THR D 180 -7.45 54.26 -6.53
N PHE D 181 -6.27 53.65 -6.63
CA PHE D 181 -6.04 52.37 -7.36
C PHE D 181 -6.47 51.19 -6.50
N PRO D 182 -7.08 50.14 -7.11
CA PRO D 182 -7.25 48.85 -6.45
C PRO D 182 -5.95 48.35 -5.82
N ALA D 183 -6.06 47.71 -4.65
CA ALA D 183 -4.92 47.24 -3.83
C ALA D 183 -4.28 46.01 -4.49
N VAL D 184 -2.95 45.88 -4.35
CA VAL D 184 -2.23 44.61 -4.62
C VAL D 184 -2.30 43.76 -3.34
N LEU D 185 -2.49 42.45 -3.47
CA LEU D 185 -2.30 41.47 -2.38
C LEU D 185 -0.88 40.93 -2.48
N GLN D 186 0.01 41.36 -1.58
CA GLN D 186 1.44 40.95 -1.56
C GLN D 186 1.54 39.48 -1.15
N SER D 187 2.70 38.86 -1.39
CA SER D 187 3.00 37.46 -1.00
C SER D 187 2.99 37.33 0.52
N SER D 188 3.19 38.43 1.25
CA SER D 188 3.10 38.54 2.74
C SER D 188 1.67 38.31 3.21
N GLY D 189 0.68 38.42 2.32
CA GLY D 189 -0.76 38.34 2.65
C GLY D 189 -1.30 39.68 3.16
N LEU D 190 -0.55 40.77 3.00
CA LEU D 190 -0.96 42.16 3.32
C LEU D 190 -1.25 42.93 2.01
N TYR D 191 -2.22 43.84 2.07
CA TYR D 191 -2.60 44.71 0.94
C TYR D 191 -1.78 46.00 1.00
N SER D 192 -1.52 46.57 -0.19
CA SER D 192 -1.03 47.95 -0.39
C SER D 192 -1.82 48.58 -1.54
N LEU D 193 -2.20 49.84 -1.42
CA LEU D 193 -2.73 50.62 -2.57
C LEU D 193 -2.11 52.02 -2.57
N SER D 194 -2.33 52.73 -3.68
CA SER D 194 -1.91 54.13 -3.88
C SER D 194 -3.12 54.94 -4.32
N SER D 195 -3.20 56.17 -3.82
CA SER D 195 -4.14 57.23 -4.27
C SER D 195 -3.29 58.37 -4.84
N VAL D 196 -3.57 58.78 -6.07
CA VAL D 196 -2.88 59.90 -6.76
C VAL D 196 -3.91 60.95 -7.14
N VAL D 197 -3.50 62.22 -7.07
CA VAL D 197 -4.30 63.36 -7.57
C VAL D 197 -3.40 64.17 -8.52
N THR D 198 -3.96 64.59 -9.65
CA THR D 198 -3.31 65.48 -10.65
C THR D 198 -3.80 66.91 -10.38
N VAL D 199 -2.86 67.85 -10.24
CA VAL D 199 -3.11 69.27 -9.85
C VAL D 199 -2.23 70.15 -10.74
N PRO D 200 -2.50 71.48 -10.80
CA PRO D 200 -1.59 72.42 -11.44
C PRO D 200 -0.29 72.52 -10.63
N SER D 201 0.86 72.53 -11.31
CA SER D 201 2.22 72.70 -10.72
C SER D 201 2.33 74.05 -10.00
N SER D 202 1.68 75.09 -10.53
CA SER D 202 1.67 76.47 -9.99
C SER D 202 0.99 76.54 -8.61
N SER D 203 0.19 75.52 -8.25
CA SER D 203 -0.56 75.43 -6.98
C SER D 203 0.34 74.91 -5.85
N LEU D 204 1.46 74.27 -6.17
CA LEU D 204 2.24 73.43 -5.21
C LEU D 204 2.88 74.29 -4.12
N GLY D 205 3.15 75.57 -4.41
CA GLY D 205 3.70 76.53 -3.44
C GLY D 205 2.67 76.98 -2.41
N THR D 206 1.39 77.03 -2.79
CA THR D 206 0.31 77.71 -2.03
C THR D 206 -0.67 76.68 -1.44
N GLN D 207 -1.06 75.64 -2.19
CA GLN D 207 -2.13 74.69 -1.79
C GLN D 207 -1.54 73.56 -0.93
N THR D 208 -2.14 73.32 0.24
CA THR D 208 -1.87 72.18 1.14
C THR D 208 -2.59 70.94 0.57
N TYR D 209 -1.92 69.79 0.56
CA TYR D 209 -2.48 68.49 0.11
C TYR D 209 -2.28 67.45 1.21
N ILE D 210 -3.38 66.96 1.78
CA ILE D 210 -3.42 65.94 2.86
C ILE D 210 -4.30 64.79 2.38
N CYS D 211 -3.80 63.55 2.41
CA CYS D 211 -4.64 62.34 2.17
C CYS D 211 -5.15 61.82 3.51
N ASN D 212 -6.43 61.50 3.57
CA ASN D 212 -7.15 61.01 4.77
C ASN D 212 -7.43 59.53 4.55
N VAL D 213 -6.63 58.67 5.18
CA VAL D 213 -6.71 57.18 5.05
C VAL D 213 -7.50 56.65 6.25
N ASN D 214 -8.61 55.96 5.99
CA ASN D 214 -9.45 55.31 7.02
C ASN D 214 -9.43 53.79 6.75
N HIS D 215 -8.99 53.01 7.74
CA HIS D 215 -9.04 51.53 7.74
C HIS D 215 -9.95 51.07 8.89
N LYS D 216 -11.23 50.88 8.58
CA LYS D 216 -12.30 50.58 9.57
C LYS D 216 -12.02 49.26 10.29
N PRO D 217 -11.55 48.19 9.60
CA PRO D 217 -11.28 46.93 10.29
C PRO D 217 -10.33 47.04 11.50
N SER D 218 -9.32 47.92 11.44
CA SER D 218 -8.35 48.15 12.54
C SER D 218 -8.70 49.41 13.34
N ASN D 219 -9.76 50.12 12.92
CA ASN D 219 -10.18 51.43 13.48
C ASN D 219 -8.98 52.39 13.47
N THR D 220 -8.22 52.39 12.36
CA THR D 220 -7.02 53.23 12.13
C THR D 220 -7.37 54.35 11.15
N LYS D 221 -7.12 55.61 11.54
CA LYS D 221 -7.22 56.80 10.66
C LYS D 221 -5.86 57.51 10.64
N VAL D 222 -5.33 57.79 9.45
CA VAL D 222 -4.05 58.52 9.24
C VAL D 222 -4.30 59.69 8.28
N ASP D 223 -3.89 60.89 8.69
CA ASP D 223 -3.78 62.08 7.82
C ASP D 223 -2.30 62.28 7.49
N LYS D 224 -1.94 62.29 6.20
CA LYS D 224 -0.55 62.50 5.75
C LYS D 224 -0.49 63.73 4.84
N LYS D 225 0.25 64.76 5.26
CA LYS D 225 0.56 65.94 4.42
C LYS D 225 1.51 65.48 3.31
N VAL D 226 1.19 65.81 2.06
CA VAL D 226 2.03 65.51 0.87
C VAL D 226 2.65 66.83 0.41
N GLU D 227 3.91 67.05 0.76
CA GLU D 227 4.65 68.32 0.52
C GLU D 227 5.59 68.13 -0.65
N PRO D 228 5.89 69.22 -1.41
CA PRO D 228 6.97 69.19 -2.40
C PRO D 228 8.33 69.03 -1.69
N LYS D 229 9.23 68.24 -2.28
CA LYS D 229 10.60 68.00 -1.74
C LYS D 229 11.64 68.51 -2.75
N SER D 230 12.79 68.98 -2.25
CA SER D 230 13.94 69.51 -3.04
C SER D 230 15.25 69.15 -2.34
N THR E 10 -24.00 -25.19 0.66
CA THR E 10 -23.03 -26.31 0.44
C THR E 10 -22.22 -26.06 -0.84
N ASN E 11 -22.84 -25.50 -1.88
CA ASN E 11 -22.24 -25.36 -3.23
C ASN E 11 -22.04 -23.87 -3.58
N LEU E 12 -20.99 -23.26 -3.05
CA LEU E 12 -20.69 -21.81 -3.19
C LEU E 12 -19.94 -21.57 -4.51
N CYS E 13 -20.32 -20.54 -5.26
CA CYS E 13 -19.59 -20.09 -6.49
C CYS E 13 -18.16 -19.76 -6.10
N PRO E 14 -17.16 -20.16 -6.92
CA PRO E 14 -15.75 -20.00 -6.56
C PRO E 14 -15.17 -18.63 -6.93
N PHE E 15 -15.85 -17.54 -6.56
CA PHE E 15 -15.38 -16.15 -6.81
C PHE E 15 -14.05 -15.95 -6.08
N GLY E 16 -13.90 -16.57 -4.90
CA GLY E 16 -12.64 -16.58 -4.13
C GLY E 16 -11.45 -16.96 -5.00
N GLU E 17 -11.57 -18.08 -5.74
CA GLU E 17 -10.49 -18.61 -6.62
C GLU E 17 -10.13 -17.58 -7.69
N VAL E 18 -11.11 -16.85 -8.23
CA VAL E 18 -10.90 -15.84 -9.31
C VAL E 18 -10.18 -14.63 -8.70
N PHE E 19 -10.69 -14.10 -7.58
CA PHE E 19 -10.23 -12.84 -6.97
C PHE E 19 -8.91 -13.05 -6.22
N ASN E 20 -8.63 -14.28 -5.74
CA ASN E 20 -7.48 -14.58 -4.86
C ASN E 20 -6.43 -15.44 -5.58
N ALA E 21 -6.48 -15.52 -6.90
CA ALA E 21 -5.44 -16.19 -7.74
C ALA E 21 -4.10 -15.46 -7.55
N THR E 22 -2.99 -16.21 -7.44
CA THR E 22 -1.61 -15.66 -7.29
C THR E 22 -1.22 -14.90 -8.57
N ARG E 23 -1.46 -15.47 -9.76
CA ARG E 23 -1.11 -14.82 -11.05
C ARG E 23 -2.39 -14.53 -11.84
N PHE E 24 -2.39 -13.41 -12.56
CA PHE E 24 -3.46 -13.00 -13.50
C PHE E 24 -2.90 -13.12 -14.92
N ALA E 25 -3.80 -13.28 -15.90
CA ALA E 25 -3.46 -13.37 -17.34
C ALA E 25 -2.95 -12.01 -17.84
N SER E 26 -2.10 -12.03 -18.86
CA SER E 26 -1.84 -10.87 -19.75
C SER E 26 -3.16 -10.51 -20.43
N VAL E 27 -3.46 -9.23 -20.55
CA VAL E 27 -4.75 -8.73 -21.12
C VAL E 27 -4.94 -9.24 -22.55
N TYR E 28 -3.88 -9.32 -23.36
CA TYR E 28 -4.00 -9.80 -24.78
C TYR E 28 -4.48 -11.25 -24.76
N ALA E 29 -4.10 -12.04 -23.76
CA ALA E 29 -4.52 -13.46 -23.58
C ALA E 29 -5.44 -13.57 -22.37
N TRP E 30 -6.39 -12.65 -22.24
CA TRP E 30 -7.32 -12.55 -21.07
C TRP E 30 -7.94 -13.91 -20.75
N ASN E 31 -7.98 -14.25 -19.47
CA ASN E 31 -8.47 -15.55 -18.96
C ASN E 31 -9.99 -15.49 -18.80
N ARG E 32 -10.72 -16.50 -19.26
CA ARG E 32 -12.17 -16.64 -18.99
C ARG E 32 -12.41 -17.89 -18.14
N LYS E 33 -13.17 -17.73 -17.06
CA LYS E 33 -13.72 -18.85 -16.26
C LYS E 33 -15.24 -18.81 -16.33
N ARG E 34 -15.88 -19.97 -16.40
CA ARG E 34 -17.36 -20.12 -16.37
C ARG E 34 -17.76 -20.52 -14.95
N ILE E 35 -18.77 -19.82 -14.41
CA ILE E 35 -19.39 -20.12 -13.09
C ILE E 35 -20.85 -20.48 -13.33
N SER E 36 -21.26 -21.67 -12.88
CA SER E 36 -22.61 -22.28 -13.08
C SER E 36 -23.02 -23.03 -11.80
N ASN E 37 -24.32 -23.22 -11.61
CA ASN E 37 -24.90 -24.22 -10.68
C ASN E 37 -24.28 -24.06 -9.29
N CYS E 38 -24.38 -22.85 -8.74
CA CYS E 38 -23.79 -22.47 -7.45
C CYS E 38 -24.51 -21.25 -6.88
N VAL E 39 -24.41 -21.05 -5.57
CA VAL E 39 -24.92 -19.86 -4.84
C VAL E 39 -23.81 -18.82 -4.78
N ALA E 40 -24.08 -17.62 -5.31
CA ALA E 40 -23.13 -16.48 -5.42
C ALA E 40 -23.44 -15.45 -4.33
N ASP E 41 -22.43 -15.02 -3.59
CA ASP E 41 -22.54 -13.93 -2.59
C ASP E 41 -21.79 -12.71 -3.13
N TYR E 42 -22.51 -11.80 -3.78
CA TYR E 42 -21.95 -10.60 -4.47
C TYR E 42 -21.74 -9.44 -3.47
N SER E 43 -22.52 -9.39 -2.39
CA SER E 43 -22.42 -8.37 -1.31
C SER E 43 -21.01 -8.35 -0.72
N VAL E 44 -20.48 -9.53 -0.37
CA VAL E 44 -19.10 -9.73 0.16
C VAL E 44 -18.10 -9.13 -0.83
N LEU E 45 -18.34 -9.27 -2.14
CA LEU E 45 -17.49 -8.64 -3.18
C LEU E 45 -17.68 -7.12 -3.15
N TYR E 46 -18.92 -6.65 -3.31
CA TYR E 46 -19.24 -5.21 -3.49
C TYR E 46 -18.70 -4.40 -2.30
N ASN E 47 -18.95 -4.89 -1.08
CA ASN E 47 -18.63 -4.20 0.20
C ASN E 47 -17.14 -4.38 0.56
N SER E 48 -16.38 -5.14 -0.23
CA SER E 48 -14.93 -5.39 -0.02
C SER E 48 -14.15 -4.07 -0.06
N ALA E 49 -13.29 -3.84 0.94
CA ALA E 49 -12.35 -2.70 1.03
C ALA E 49 -11.29 -2.78 -0.07
N SER E 50 -11.11 -3.94 -0.70
CA SER E 50 -10.03 -4.25 -1.67
C SER E 50 -10.17 -3.44 -2.96
N PHE E 51 -11.40 -3.24 -3.44
CA PHE E 51 -11.68 -2.75 -4.83
C PHE E 51 -11.82 -1.22 -4.85
N SER E 52 -11.18 -0.58 -5.84
CA SER E 52 -11.30 0.88 -6.11
C SER E 52 -12.24 1.12 -7.29
N THR E 53 -12.56 0.09 -8.09
CA THR E 53 -13.59 0.13 -9.15
C THR E 53 -14.52 -1.08 -9.03
N PHE E 54 -15.82 -0.82 -9.04
CA PHE E 54 -16.91 -1.82 -9.11
C PHE E 54 -18.06 -1.18 -9.89
N LYS E 55 -17.90 -1.09 -11.21
CA LYS E 55 -18.81 -0.35 -12.12
C LYS E 55 -19.59 -1.34 -12.97
N CYS E 56 -20.92 -1.21 -12.99
CA CYS E 56 -21.85 -2.18 -13.63
C CYS E 56 -22.66 -1.51 -14.74
N TYR E 57 -23.20 -2.35 -15.62
CA TYR E 57 -23.95 -1.97 -16.84
C TYR E 57 -25.14 -2.93 -16.97
N GLY E 58 -26.35 -2.39 -17.05
CA GLY E 58 -27.59 -3.15 -17.25
C GLY E 58 -28.02 -3.92 -16.01
N VAL E 59 -27.38 -3.67 -14.86
CA VAL E 59 -27.69 -4.33 -13.56
C VAL E 59 -27.11 -3.47 -12.42
N SER E 60 -27.87 -3.31 -11.33
CA SER E 60 -27.42 -2.60 -10.11
C SER E 60 -26.70 -3.58 -9.19
N PRO E 61 -25.44 -3.31 -8.78
CA PRO E 61 -24.65 -4.28 -8.01
C PRO E 61 -25.26 -4.63 -6.65
N THR E 62 -26.04 -3.73 -6.05
CA THR E 62 -26.71 -3.92 -4.73
C THR E 62 -27.94 -4.83 -4.88
N LYS E 63 -28.35 -5.13 -6.12
CA LYS E 63 -29.51 -6.01 -6.43
C LYS E 63 -29.04 -7.42 -6.79
N LEU E 64 -27.71 -7.64 -6.95
CA LEU E 64 -27.16 -8.91 -7.51
C LEU E 64 -27.54 -10.12 -6.64
N ASN E 65 -27.57 -9.97 -5.32
CA ASN E 65 -27.90 -11.07 -4.38
C ASN E 65 -29.38 -11.51 -4.56
N ASP E 66 -30.20 -10.72 -5.28
CA ASP E 66 -31.63 -11.00 -5.51
C ASP E 66 -31.86 -11.60 -6.91
N LEU E 67 -30.82 -11.73 -7.73
CA LEU E 67 -30.98 -12.10 -9.17
C LEU E 67 -30.45 -13.52 -9.42
N CYS E 68 -30.99 -14.17 -10.45
CA CYS E 68 -30.53 -15.48 -10.98
C CYS E 68 -30.08 -15.29 -12.43
N PHE E 69 -28.98 -15.93 -12.80
CA PHE E 69 -28.45 -15.95 -14.19
C PHE E 69 -28.21 -17.42 -14.59
N THR E 70 -28.17 -17.68 -15.90
CA THR E 70 -27.97 -19.04 -16.46
C THR E 70 -26.49 -19.37 -16.27
N ASN E 71 -25.60 -18.44 -16.58
CA ASN E 71 -24.14 -18.53 -16.29
C ASN E 71 -23.61 -17.16 -15.87
N VAL E 72 -22.45 -17.15 -15.22
CA VAL E 72 -21.59 -15.97 -15.00
C VAL E 72 -20.21 -16.28 -15.58
N TYR E 73 -19.69 -15.42 -16.46
CA TYR E 73 -18.30 -15.51 -16.97
C TYR E 73 -17.47 -14.48 -16.22
N ALA E 74 -16.29 -14.91 -15.74
CA ALA E 74 -15.28 -14.06 -15.08
C ALA E 74 -14.07 -13.97 -16.00
N ASP E 75 -13.90 -12.82 -16.64
CA ASP E 75 -12.70 -12.49 -17.47
C ASP E 75 -11.74 -11.71 -16.58
N SER E 76 -10.48 -12.13 -16.52
CA SER E 76 -9.48 -11.52 -15.62
C SER E 76 -8.16 -11.32 -16.37
N PHE E 77 -7.46 -10.25 -16.00
CA PHE E 77 -6.20 -9.80 -16.64
C PHE E 77 -5.65 -8.61 -15.85
N VAL E 78 -4.42 -8.22 -16.18
CA VAL E 78 -3.75 -7.01 -15.63
C VAL E 78 -3.61 -5.98 -16.74
N ILE E 79 -3.92 -4.73 -16.40
CA ILE E 79 -3.65 -3.51 -17.21
C ILE E 79 -3.09 -2.45 -16.27
N ARG E 80 -2.70 -1.29 -16.79
CA ARG E 80 -2.25 -0.15 -15.94
C ARG E 80 -3.49 0.65 -15.53
N GLY E 81 -3.39 1.41 -14.42
CA GLY E 81 -4.52 2.10 -13.78
C GLY E 81 -5.32 2.93 -14.76
N ASP E 82 -4.64 3.71 -15.61
CA ASP E 82 -5.32 4.68 -16.52
C ASP E 82 -6.02 3.94 -17.67
N GLU E 83 -5.87 2.63 -17.79
CA GLU E 83 -6.56 1.81 -18.82
C GLU E 83 -7.84 1.18 -18.28
N VAL E 84 -8.10 1.27 -16.98
CA VAL E 84 -9.34 0.67 -16.38
C VAL E 84 -10.58 1.31 -17.04
N ARG E 85 -10.51 2.60 -17.39
CA ARG E 85 -11.61 3.33 -18.09
C ARG E 85 -11.93 2.66 -19.44
N GLN E 86 -10.95 2.03 -20.09
CA GLN E 86 -11.14 1.37 -21.43
C GLN E 86 -11.98 0.10 -21.28
N ILE E 87 -12.02 -0.49 -20.08
CA ILE E 87 -12.85 -1.69 -19.78
C ILE E 87 -14.26 -1.19 -19.44
N ALA E 88 -15.02 -0.84 -20.48
CA ALA E 88 -16.40 -0.34 -20.41
C ALA E 88 -16.98 -0.35 -21.82
N PRO E 89 -18.32 -0.43 -21.99
CA PRO E 89 -18.92 -0.32 -23.33
C PRO E 89 -18.58 1.02 -24.00
N GLY E 90 -18.29 0.98 -25.31
CA GLY E 90 -18.19 2.18 -26.17
C GLY E 90 -16.84 2.87 -26.10
N GLN E 91 -15.80 2.26 -25.50
CA GLN E 91 -14.47 2.91 -25.31
C GLN E 91 -13.54 2.57 -26.47
N THR E 92 -12.51 3.40 -26.67
CA THR E 92 -11.42 3.24 -27.67
C THR E 92 -10.08 3.36 -26.97
N GLY E 93 -8.99 3.02 -27.67
CA GLY E 93 -7.61 2.94 -27.13
C GLY E 93 -7.01 1.55 -27.34
N LYS E 94 -5.72 1.41 -27.06
CA LYS E 94 -4.95 0.14 -27.29
C LYS E 94 -5.69 -1.04 -26.66
N ILE E 95 -6.18 -0.92 -25.44
CA ILE E 95 -6.80 -2.06 -24.69
C ILE E 95 -8.18 -2.36 -25.29
N ALA E 96 -9.07 -1.37 -25.41
CA ALA E 96 -10.43 -1.52 -25.95
C ALA E 96 -10.38 -2.03 -27.39
N ASP E 97 -9.45 -1.52 -28.20
CA ASP E 97 -9.39 -1.74 -29.67
C ASP E 97 -8.67 -3.07 -29.98
N TYR E 98 -7.58 -3.38 -29.27
CA TYR E 98 -6.62 -4.45 -29.67
C TYR E 98 -6.52 -5.61 -28.66
N ASN E 99 -7.15 -5.54 -27.47
CA ASN E 99 -6.87 -6.49 -26.36
C ASN E 99 -8.15 -7.10 -25.78
N TYR E 100 -9.07 -6.29 -25.27
CA TYR E 100 -10.33 -6.73 -24.59
C TYR E 100 -11.43 -5.70 -24.87
N LYS E 101 -12.49 -6.14 -25.55
CA LYS E 101 -13.60 -5.28 -26.03
C LYS E 101 -14.91 -5.75 -25.39
N LEU E 102 -15.62 -4.85 -24.71
CA LEU E 102 -17.00 -5.09 -24.22
C LEU E 102 -17.99 -4.61 -25.27
N PRO E 103 -19.14 -5.31 -25.44
CA PRO E 103 -20.18 -4.87 -26.37
C PRO E 103 -21.01 -3.70 -25.80
N ASP E 104 -21.65 -2.93 -26.68
CA ASP E 104 -22.55 -1.80 -26.32
C ASP E 104 -23.65 -2.29 -25.38
N ASP E 105 -24.14 -3.52 -25.57
CA ASP E 105 -25.30 -4.10 -24.85
C ASP E 105 -24.84 -4.91 -23.62
N PHE E 106 -23.61 -4.68 -23.15
CA PHE E 106 -22.98 -5.42 -22.02
C PHE E 106 -23.92 -5.40 -20.80
N THR E 107 -24.15 -6.58 -20.21
CA THR E 107 -24.78 -6.76 -18.88
C THR E 107 -23.75 -7.41 -17.94
N GLY E 108 -23.13 -6.61 -17.08
CA GLY E 108 -22.07 -7.10 -16.19
C GLY E 108 -21.47 -6.02 -15.33
N CYS E 109 -20.44 -6.39 -14.58
CA CYS E 109 -19.67 -5.51 -13.67
C CYS E 109 -18.18 -5.62 -13.99
N VAL E 110 -17.49 -4.48 -13.96
CA VAL E 110 -16.02 -4.38 -14.10
C VAL E 110 -15.47 -4.05 -12.71
N ILE E 111 -14.64 -4.94 -12.18
CA ILE E 111 -14.07 -4.82 -10.81
C ILE E 111 -12.54 -4.73 -10.97
N ALA E 112 -11.93 -3.74 -10.34
CA ALA E 112 -10.47 -3.51 -10.43
C ALA E 112 -9.92 -3.13 -9.07
N TRP E 113 -8.68 -3.55 -8.79
CA TRP E 113 -7.93 -3.15 -7.58
C TRP E 113 -6.46 -2.97 -7.95
N ASN E 114 -5.84 -2.02 -7.25
CA ASN E 114 -4.39 -1.73 -7.37
C ASN E 114 -3.62 -2.99 -6.91
N SER E 115 -2.75 -3.53 -7.77
CA SER E 115 -1.97 -4.76 -7.50
C SER E 115 -0.47 -4.43 -7.49
N ASN E 116 -0.08 -3.19 -7.15
CA ASN E 116 1.33 -2.75 -7.14
C ASN E 116 2.17 -3.65 -6.22
N ASN E 117 1.56 -4.12 -5.11
CA ASN E 117 2.23 -4.93 -4.06
C ASN E 117 2.52 -6.35 -4.57
N LEU E 118 1.83 -6.81 -5.62
CA LEU E 118 1.98 -8.17 -6.20
C LEU E 118 2.75 -8.11 -7.53
N ASP E 119 2.35 -7.21 -8.43
CA ASP E 119 2.73 -7.27 -9.86
C ASP E 119 3.84 -6.26 -10.19
N SER E 120 4.39 -5.57 -9.18
CA SER E 120 5.59 -4.70 -9.31
C SER E 120 6.68 -5.21 -8.37
N LYS E 121 7.95 -5.02 -8.74
CA LYS E 121 9.13 -5.40 -7.92
C LYS E 121 10.32 -4.51 -8.27
N VAL E 122 11.30 -4.42 -7.37
CA VAL E 122 12.60 -3.69 -7.56
C VAL E 122 13.15 -4.03 -8.95
N GLY E 123 13.61 -3.02 -9.69
CA GLY E 123 14.10 -3.17 -11.07
C GLY E 123 12.99 -3.47 -12.06
N GLY E 124 11.72 -3.30 -11.64
CA GLY E 124 10.52 -3.40 -12.50
C GLY E 124 10.11 -4.84 -12.80
N ASN E 125 8.80 -5.07 -12.88
CA ASN E 125 8.16 -6.35 -13.32
C ASN E 125 7.71 -6.16 -14.77
N TYR E 126 8.10 -7.08 -15.68
CA TYR E 126 7.82 -6.99 -17.14
C TYR E 126 7.24 -8.32 -17.66
N ASN E 127 6.44 -9.01 -16.82
CA ASN E 127 5.81 -10.32 -17.13
C ASN E 127 4.47 -10.13 -17.85
N TYR E 128 3.86 -8.94 -17.76
CA TYR E 128 2.50 -8.67 -18.30
C TYR E 128 2.63 -8.01 -19.68
N LEU E 129 1.90 -8.57 -20.66
CA LEU E 129 1.95 -8.16 -22.08
C LEU E 129 0.60 -7.59 -22.52
N TYR E 130 0.63 -6.69 -23.51
CA TYR E 130 -0.55 -6.18 -24.24
C TYR E 130 -0.21 -6.13 -25.74
N ARG E 131 -1.24 -6.21 -26.60
CA ARG E 131 -1.10 -6.06 -28.06
C ARG E 131 -1.03 -4.56 -28.37
N LEU E 132 0.08 -4.13 -29.00
CA LEU E 132 0.37 -2.72 -29.36
C LEU E 132 -0.10 -2.43 -30.78
N PHE E 133 -0.06 -3.43 -31.67
CA PHE E 133 -0.38 -3.29 -33.12
C PHE E 133 -1.41 -4.36 -33.53
N ARG E 134 -2.36 -3.97 -34.36
CA ARG E 134 -3.38 -4.87 -34.97
C ARG E 134 -4.01 -4.17 -36.17
N LYS E 135 -4.33 -4.92 -37.24
CA LYS E 135 -4.82 -4.37 -38.52
C LYS E 135 -6.25 -3.84 -38.34
N SER E 136 -7.03 -4.46 -37.47
CA SER E 136 -8.45 -4.09 -37.23
C SER E 136 -8.78 -4.23 -35.74
N ASN E 137 -9.83 -3.55 -35.28
CA ASN E 137 -10.31 -3.60 -33.88
C ASN E 137 -10.92 -4.96 -33.61
N LEU E 138 -10.75 -5.45 -32.39
CA LEU E 138 -11.43 -6.68 -31.88
C LEU E 138 -12.94 -6.48 -31.93
N LYS E 139 -13.67 -7.57 -32.14
CA LYS E 139 -15.11 -7.67 -31.86
C LYS E 139 -15.29 -7.86 -30.35
N PRO E 140 -16.47 -7.55 -29.79
CA PRO E 140 -16.74 -7.84 -28.38
C PRO E 140 -16.39 -9.28 -28.00
N PHE E 141 -15.61 -9.46 -26.93
CA PHE E 141 -15.23 -10.76 -26.32
C PHE E 141 -14.37 -11.60 -27.27
N GLU E 142 -13.74 -10.96 -28.26
CA GLU E 142 -12.71 -11.59 -29.11
C GLU E 142 -11.40 -11.65 -28.33
N ARG E 143 -10.64 -12.72 -28.50
CA ARG E 143 -9.27 -12.88 -27.94
C ARG E 143 -8.32 -13.18 -29.10
N ASP E 144 -7.31 -12.34 -29.28
CA ASP E 144 -6.22 -12.56 -30.27
C ASP E 144 -4.94 -12.88 -29.50
N ILE E 145 -4.44 -14.12 -29.61
CA ILE E 145 -3.18 -14.54 -28.92
C ILE E 145 -2.09 -14.77 -29.96
N SER E 146 -2.30 -14.31 -31.20
CA SER E 146 -1.36 -14.49 -32.33
C SER E 146 -0.11 -13.64 -32.08
N THR E 147 1.03 -14.06 -32.63
CA THR E 147 2.34 -13.38 -32.45
C THR E 147 3.00 -13.17 -33.81
N GLU E 148 2.21 -12.96 -34.86
CA GLU E 148 2.69 -12.71 -36.23
C GLU E 148 3.33 -11.31 -36.28
N ILE E 149 4.36 -11.15 -37.11
CA ILE E 149 5.04 -9.84 -37.30
C ILE E 149 4.02 -8.89 -37.95
N TYR E 150 3.89 -7.69 -37.39
CA TYR E 150 2.97 -6.63 -37.88
C TYR E 150 3.67 -5.87 -39.01
N GLN E 151 3.04 -5.79 -40.18
CA GLN E 151 3.51 -5.03 -41.36
C GLN E 151 2.96 -3.61 -41.25
N ALA E 152 3.83 -2.63 -40.97
CA ALA E 152 3.48 -1.19 -40.86
C ALA E 152 3.82 -0.47 -42.17
N GLY E 153 4.44 -1.16 -43.13
CA GLY E 153 4.93 -0.57 -44.40
C GLY E 153 4.53 -1.42 -45.60
N SER E 154 5.37 -1.45 -46.63
CA SER E 154 5.13 -2.18 -47.90
C SER E 154 6.08 -3.37 -48.04
N THR E 155 7.36 -3.23 -47.67
CA THR E 155 8.39 -4.30 -47.83
C THR E 155 7.93 -5.52 -47.04
N PRO E 156 7.88 -6.73 -47.65
CA PRO E 156 7.47 -7.93 -46.93
C PRO E 156 8.37 -8.19 -45.70
N CYS E 157 7.74 -8.51 -44.55
CA CYS E 157 8.43 -8.87 -43.29
C CYS E 157 8.93 -10.31 -43.37
N ASN E 158 8.14 -11.19 -44.00
CA ASN E 158 8.42 -12.65 -44.14
C ASN E 158 8.86 -13.19 -42.77
N GLY E 159 8.10 -12.89 -41.71
CA GLY E 159 8.19 -13.53 -40.39
C GLY E 159 9.27 -12.95 -39.50
N VAL E 160 9.97 -11.89 -39.94
CA VAL E 160 11.17 -11.33 -39.26
C VAL E 160 10.94 -9.84 -38.90
N GLU E 161 11.24 -9.45 -37.66
CA GLU E 161 11.29 -8.01 -37.25
C GLU E 161 12.31 -7.27 -38.10
N GLY E 162 12.03 -6.01 -38.41
CA GLY E 162 12.91 -5.16 -39.24
C GLY E 162 12.22 -3.84 -39.50
N PHE E 163 12.66 -3.11 -40.53
CA PHE E 163 12.09 -1.80 -40.94
C PHE E 163 10.58 -1.96 -41.15
N ASN E 164 9.77 -1.28 -40.33
CA ASN E 164 8.29 -1.27 -40.42
C ASN E 164 7.73 -2.68 -40.29
N CYS E 165 8.41 -3.54 -39.52
CA CYS E 165 8.02 -4.95 -39.25
C CYS E 165 8.18 -5.22 -37.76
N TYR E 166 7.07 -5.25 -37.02
CA TYR E 166 7.07 -5.21 -35.53
C TYR E 166 6.45 -6.46 -34.93
N PHE E 167 7.11 -6.98 -33.90
CA PHE E 167 6.50 -7.93 -32.94
C PHE E 167 5.30 -7.20 -32.33
N PRO E 168 4.10 -7.80 -32.32
CA PRO E 168 2.88 -7.07 -31.98
C PRO E 168 2.59 -6.89 -30.48
N LEU E 169 3.30 -7.62 -29.61
CA LEU E 169 3.11 -7.56 -28.14
C LEU E 169 4.19 -6.69 -27.50
N GLN E 170 3.80 -5.99 -26.43
CA GLN E 170 4.68 -5.13 -25.62
C GLN E 170 4.48 -5.51 -24.15
N SER E 171 5.54 -5.45 -23.35
CA SER E 171 5.49 -5.70 -21.90
C SER E 171 5.17 -4.39 -21.19
N TYR E 172 4.30 -4.43 -20.19
CA TYR E 172 4.15 -3.33 -19.20
C TYR E 172 5.45 -3.25 -18.38
N GLY E 173 5.85 -2.04 -18.01
CA GLY E 173 6.93 -1.82 -17.04
C GLY E 173 6.37 -1.40 -15.70
N PHE E 174 6.11 -2.35 -14.79
CA PHE E 174 5.54 -2.07 -13.45
C PHE E 174 6.68 -1.94 -12.44
N GLN E 175 7.24 -0.73 -12.30
CA GLN E 175 8.16 -0.36 -11.18
C GLN E 175 7.30 0.09 -10.02
N PRO E 176 7.67 -0.24 -8.76
CA PRO E 176 6.89 0.15 -7.59
C PRO E 176 6.65 1.66 -7.47
N THR E 177 7.59 2.48 -7.95
CA THR E 177 7.57 3.97 -7.83
C THR E 177 6.75 4.61 -8.96
N ASN E 178 6.19 3.83 -9.89
CA ASN E 178 5.32 4.36 -10.97
C ASN E 178 4.21 5.21 -10.31
N GLY E 179 3.77 6.26 -11.03
CA GLY E 179 2.50 6.94 -10.79
C GLY E 179 1.34 5.96 -10.89
N VAL E 180 0.22 6.26 -10.23
CA VAL E 180 -0.94 5.32 -10.07
C VAL E 180 -1.48 4.90 -11.45
N GLY E 181 -1.42 5.79 -12.45
CA GLY E 181 -1.91 5.52 -13.82
C GLY E 181 -1.05 4.51 -14.56
N TYR E 182 0.19 4.29 -14.10
CA TYR E 182 1.17 3.34 -14.70
C TYR E 182 1.44 2.19 -13.73
N GLN E 183 0.68 2.09 -12.64
CA GLN E 183 0.74 0.95 -11.69
C GLN E 183 -0.18 -0.15 -12.20
N PRO E 184 0.13 -1.44 -11.89
CA PRO E 184 -0.70 -2.54 -12.34
C PRO E 184 -2.03 -2.57 -11.57
N TYR E 185 -3.10 -2.83 -12.29
CA TYR E 185 -4.46 -3.10 -11.74
C TYR E 185 -4.91 -4.48 -12.23
N ARG E 186 -5.36 -5.30 -11.30
CA ARG E 186 -6.04 -6.59 -11.59
C ARG E 186 -7.50 -6.26 -11.86
N VAL E 187 -8.03 -6.77 -12.96
CA VAL E 187 -9.43 -6.55 -13.41
C VAL E 187 -10.14 -7.89 -13.49
N VAL E 188 -11.34 -7.98 -12.91
CA VAL E 188 -12.31 -9.09 -13.12
C VAL E 188 -13.55 -8.47 -13.77
N VAL E 189 -13.94 -8.98 -14.94
CA VAL E 189 -15.19 -8.60 -15.63
C VAL E 189 -16.18 -9.76 -15.45
N LEU E 190 -17.25 -9.52 -14.69
CA LEU E 190 -18.37 -10.49 -14.55
C LEU E 190 -19.40 -10.19 -15.64
N SER E 191 -19.66 -11.16 -16.53
CA SER E 191 -20.78 -11.16 -17.51
C SER E 191 -21.94 -11.98 -16.92
N PHE E 192 -23.12 -11.37 -16.80
CA PHE E 192 -24.34 -12.05 -16.28
C PHE E 192 -25.18 -12.48 -17.49
N GLU E 193 -25.16 -13.78 -17.80
CA GLU E 193 -25.78 -14.35 -19.03
C GLU E 193 -27.21 -14.80 -18.71
N LEU E 194 -28.17 -14.39 -19.54
CA LEU E 194 -29.59 -14.82 -19.47
C LEU E 194 -29.93 -15.54 -20.78
N LEU E 195 -29.82 -16.86 -20.78
CA LEU E 195 -30.26 -17.75 -21.89
C LEU E 195 -31.72 -18.16 -21.65
N HIS E 196 -32.41 -18.66 -22.67
CA HIS E 196 -33.77 -19.22 -22.56
C HIS E 196 -33.65 -20.64 -22.00
N ALA E 197 -33.35 -20.73 -20.70
CA ALA E 197 -32.90 -21.95 -20.00
C ALA E 197 -33.03 -21.74 -18.49
N PRO E 198 -33.09 -22.81 -17.67
CA PRO E 198 -33.12 -22.64 -16.22
C PRO E 198 -31.89 -21.85 -15.74
N ALA E 199 -32.12 -20.92 -14.82
CA ALA E 199 -31.05 -20.17 -14.13
C ALA E 199 -30.30 -21.13 -13.22
N THR E 200 -28.98 -21.02 -13.12
CA THR E 200 -28.12 -21.95 -12.34
C THR E 200 -27.32 -21.19 -11.27
N VAL E 201 -27.09 -19.89 -11.45
CA VAL E 201 -26.25 -19.03 -10.55
C VAL E 201 -27.15 -17.96 -9.93
N CYS E 202 -27.52 -18.14 -8.66
CA CYS E 202 -28.42 -17.24 -7.90
C CYS E 202 -27.70 -16.67 -6.67
N GLY E 203 -28.13 -15.49 -6.22
CA GLY E 203 -27.73 -14.91 -4.93
C GLY E 203 -28.34 -15.71 -3.77
N PRO E 204 -27.90 -15.47 -2.51
CA PRO E 204 -28.39 -16.25 -1.37
C PRO E 204 -29.90 -16.02 -1.13
#